data_3O5A
#
_entry.id   3O5A
#
_cell.length_a   119.400
_cell.length_b   71.410
_cell.length_c   128.410
_cell.angle_alpha   90.00
_cell.angle_beta   121.04
_cell.angle_gamma   90.00
#
_symmetry.space_group_name_H-M   'C 1 2 1'
#
loop_
_entity.id
_entity.type
_entity.pdbx_description
1 polymer 'Periplasmic nitrate reductase'
2 polymer 'Diheme cytochrome c napB'
3 non-polymer 'IRON/SULFUR CLUSTER'
4 non-polymer 'DIOXOTHIOMOLYBDENUM(VI) ION'
5 non-polymer '2-AMINO-5,6-DIMERCAPTO-7-METHYL-3,7,8A,9-TETRAHYDRO-8-OXA-1,3,9,10-TETRAAZA-ANTHRACEN-4-ONE GUANOSINE DINUCLEOTIDE'
6 non-polymer 'FORMIC ACID'
7 non-polymer 'CHLORIDE ION'
8 non-polymer 'HEME C'
9 water water
#
loop_
_entity_poly.entity_id
_entity_poly.type
_entity_poly.pdbx_seq_one_letter_code
_entity_poly.pdbx_strand_id
1 'polypeptide(L)'
;ANFVTDSEVTKLKWSKAPCRFCGTGCGVTVAVKDNKVVATQGDPQAEVNKGLNCVKGYFLSKIMYGQDRLTRPLMRMKNG
KYDKNGDFAPVTWDQAFDEMERQFKRVLKEKGPTAVGMFGSGQWTVWEGYAAAKLYKAGFRSNNIDPNARHCMASAAAGF
MRTFGMDEPMGCYDDFEAADAFVLWGSNMAEMHPILWTRVTDRRLSHPKTRVVVLSTFTHRCFDLADIGIIFKPQTDLAM
LNYIANYIIRNNKVNKDFVNKHTVFKEGVTDIGYGLRPDHPLQKAAKNASDPGAAKVITFDEFAKFVSKYDADYVSKLSA
VPKAKLDQLAELYADPNIKVMSLWTMGFNQHTRGTWANNMVYNLHLLTGKIATPGNSPFSLTGQPSACGTAREVGTFSHR
LPADMVVTNPKHREEAERIWKLPPGTIPDKPGYDAVLQNRMLKDGKLNAYWVQVNNNMQAAANLMEEGLPGYRNPANFIV
VSDAYPTVTALAADLVLPSAMWVEKEGAYGNAERRTQFWHQLVDAPGEARSDLWQLVEFAKRFKVEEVWPPELIAKKPEY
KGKTLYDVLYRNGQVDKFPLKDVNAEYHNAEAKAFGFYLQKGLFEEYATFGRGHGHDLAPFDAYHEARGLRWPVVNGKET
RWRYREGSDPYVKAGTGFQFYGNPDGKAVIFALPYEPPAESPDKEYPYWLVTGRVLEHWHSGSMTRRVPELYRSFPNAVV
FMHPEDAKALGLRRGVEVEVVSRRGRMRSRIETRGRDAPPRGLVFVPWFDASQLINKVTLDAT(OCS)PISLQTDFKKCA
VKIVKV
;
A
2 'polypeptide(L)'
;QGLVDAMRGPTAIANEPRAPLLYPTENKDIRRTRNYTMQPPTIPHKIDGYQLDKDFNRCMFCHARTRTEETQAIPVSITH
YMDRDNNVLADVSPRRYFCTQCHVPQADTKPLIGNNFVDVDTILKRRPGAKGAAK
;
B
#
loop_
_chem_comp.id
_chem_comp.type
_chem_comp.name
_chem_comp.formula
CL non-polymer 'CHLORIDE ION' 'Cl -1'
FMT non-polymer 'FORMIC ACID' 'C H2 O2'
HEC non-polymer 'HEME C' 'C34 H34 Fe N4 O4'
MGD non-polymer '2-AMINO-5,6-DIMERCAPTO-7-METHYL-3,7,8A,9-TETRAHYDRO-8-OXA-1,3,9,10-TETRAAZA-ANTHRACEN-4-ONE GUANOSINE DINUCLEOTIDE' 'C20 H26 N10 O13 P2 S2'
MOS non-polymer 'DIOXOTHIOMOLYBDENUM(VI) ION' 'H Mo O2 S'
SF4 non-polymer 'IRON/SULFUR CLUSTER' 'Fe4 S4'
#
# COMPACT_ATOMS: atom_id res chain seq x y z
N LYS A 11 -18.19 24.23 -20.85
CA LYS A 11 -17.29 23.61 -21.90
C LYS A 11 -16.52 22.31 -21.35
N LEU A 12 -15.93 22.41 -20.16
CA LEU A 12 -15.41 21.21 -19.51
C LEU A 12 -16.52 20.28 -18.92
N LYS A 13 -16.29 18.96 -18.90
CA LYS A 13 -17.23 18.15 -18.12
C LYS A 13 -16.47 17.74 -16.84
N TRP A 14 -16.94 18.16 -15.66
CA TRP A 14 -16.21 17.83 -14.39
C TRP A 14 -16.89 16.65 -13.73
N SER A 15 -16.12 15.64 -13.27
CA SER A 15 -16.68 14.41 -12.68
C SER A 15 -15.84 14.01 -11.49
N LYS A 16 -16.45 13.36 -10.53
CA LYS A 16 -15.69 13.04 -9.29
C LYS A 16 -14.91 11.70 -9.43
N ALA A 17 -13.80 11.62 -8.68
CA ALA A 17 -13.02 10.39 -8.57
C ALA A 17 -12.15 10.47 -7.33
N PRO A 18 -11.77 9.30 -6.79
CA PRO A 18 -10.73 9.36 -5.80
C PRO A 18 -9.37 9.61 -6.47
N CYS A 19 -8.44 10.19 -5.70
CA CYS A 19 -7.07 10.30 -6.15
C CYS A 19 -6.51 8.92 -6.55
N ARG A 20 -5.72 8.90 -7.66
CA ARG A 20 -5.07 7.67 -8.06
C ARG A 20 -3.95 7.13 -7.11
N PHE A 21 -3.52 7.97 -6.12
CA PHE A 21 -2.29 7.67 -5.40
C PHE A 21 -2.67 7.19 -3.99
N CYS A 22 -2.30 7.91 -2.97
CA CYS A 22 -2.18 7.18 -1.62
C CYS A 22 -3.53 6.87 -0.90
N GLY A 23 -3.41 5.98 0.09
CA GLY A 23 -4.58 5.48 0.83
C GLY A 23 -5.34 6.51 1.63
N THR A 24 -4.81 7.72 1.71
CA THR A 24 -5.63 8.83 2.23
C THR A 24 -6.99 8.87 1.52
N GLY A 25 -6.98 8.82 0.17
CA GLY A 25 -8.22 8.70 -0.57
C GLY A 25 -8.86 10.09 -0.74
N CYS A 26 -8.05 11.15 -0.85
CA CYS A 26 -8.64 12.47 -1.24
C CYS A 26 -9.62 12.28 -2.40
N GLY A 27 -10.75 13.01 -2.29
CA GLY A 27 -11.63 13.16 -3.48
C GLY A 27 -11.04 14.27 -4.39
N VAL A 28 -11.06 13.99 -5.70
CA VAL A 28 -10.78 15.02 -6.73
C VAL A 28 -11.97 15.19 -7.65
N THR A 29 -11.98 16.32 -8.40
CA THR A 29 -12.88 16.44 -9.54
C THR A 29 -11.97 16.62 -10.76
N VAL A 30 -12.43 16.08 -11.85
CA VAL A 30 -11.61 15.86 -13.04
C VAL A 30 -12.35 16.53 -14.20
N ALA A 31 -11.63 17.40 -14.90
CA ALA A 31 -12.22 18.18 -15.99
C ALA A 31 -11.77 17.53 -17.30
N VAL A 32 -12.73 17.21 -18.16
CA VAL A 32 -12.46 16.57 -19.49
C VAL A 32 -12.93 17.45 -20.58
N LYS A 33 -12.12 17.54 -21.62
CA LYS A 33 -12.61 18.12 -22.88
C LYS A 33 -11.93 17.31 -23.99
N ASP A 34 -12.70 16.91 -25.01
CA ASP A 34 -12.13 16.26 -26.23
C ASP A 34 -11.23 15.04 -25.87
N ASN A 35 -11.74 14.25 -24.94
CA ASN A 35 -11.08 12.99 -24.55
C ASN A 35 -9.81 13.21 -23.78
N LYS A 36 -9.60 14.40 -23.21
CA LYS A 36 -8.34 14.62 -22.48
C LYS A 36 -8.69 15.19 -21.12
N VAL A 37 -8.01 14.70 -20.06
CA VAL A 37 -8.11 15.38 -18.75
C VAL A 37 -7.30 16.63 -18.81
N VAL A 38 -8.00 17.77 -18.65
CA VAL A 38 -7.35 19.06 -18.76
C VAL A 38 -7.05 19.66 -17.43
N ALA A 39 -7.68 19.19 -16.32
CA ALA A 39 -7.38 19.76 -15.01
C ALA A 39 -7.92 18.80 -13.98
N THR A 40 -7.38 18.83 -12.75
CA THR A 40 -8.14 18.21 -11.68
C THR A 40 -8.13 19.21 -10.57
N GLN A 41 -8.97 18.99 -9.60
CA GLN A 41 -8.87 19.84 -8.40
C GLN A 41 -9.26 18.98 -7.20
N GLY A 42 -8.80 19.40 -6.01
CA GLY A 42 -9.28 18.73 -4.80
C GLY A 42 -10.81 18.96 -4.70
N ASP A 43 -11.58 17.93 -4.39
CA ASP A 43 -13.05 18.02 -4.39
C ASP A 43 -13.46 18.76 -3.12
N PRO A 44 -14.01 19.99 -3.26
CA PRO A 44 -14.38 20.68 -2.02
C PRO A 44 -15.45 20.01 -1.22
N GLN A 45 -16.27 19.09 -1.75
CA GLN A 45 -17.31 18.46 -0.96
C GLN A 45 -16.82 17.11 -0.38
N ALA A 46 -15.58 16.72 -0.71
CA ALA A 46 -15.19 15.41 -0.17
C ALA A 46 -14.77 15.61 1.27
N GLU A 47 -15.25 14.74 2.15
CA GLU A 47 -15.04 14.88 3.60
C GLU A 47 -13.56 14.60 3.93
N VAL A 48 -12.90 13.74 3.16
CA VAL A 48 -11.51 13.41 3.57
C VAL A 48 -10.60 14.63 3.48
N ASN A 49 -10.72 15.41 2.36
CA ASN A 49 -9.72 16.43 2.14
C ASN A 49 -10.31 17.84 2.02
N LYS A 50 -11.64 17.92 1.87
CA LYS A 50 -12.31 19.26 1.80
C LYS A 50 -11.57 20.21 0.88
N GLY A 51 -11.32 19.74 -0.35
CA GLY A 51 -10.69 20.59 -1.32
C GLY A 51 -9.18 20.60 -1.44
N LEU A 52 -8.44 19.98 -0.50
CA LEU A 52 -6.96 20.06 -0.62
C LEU A 52 -6.43 18.80 -1.31
N ASN A 53 -5.28 18.94 -1.96
CA ASN A 53 -4.52 17.79 -2.44
C ASN A 53 -3.08 18.02 -2.00
N CYS A 54 -2.19 17.03 -2.27
CA CYS A 54 -0.75 17.32 -2.22
C CYS A 54 -0.25 17.46 -3.64
N VAL A 55 1.03 17.69 -3.77
CA VAL A 55 1.63 17.97 -5.09
C VAL A 55 1.37 16.80 -6.09
N LYS A 56 1.33 15.56 -5.57
CA LYS A 56 0.98 14.45 -6.49
C LYS A 56 -0.42 14.56 -7.03
N GLY A 57 -1.38 14.76 -6.14
CA GLY A 57 -2.77 15.00 -6.56
C GLY A 57 -2.94 16.12 -7.56
N TYR A 58 -2.20 17.20 -7.30
CA TYR A 58 -2.33 18.37 -8.20
C TYR A 58 -1.77 18.16 -9.62
N PHE A 59 -0.98 17.09 -9.85
CA PHE A 59 -0.50 16.69 -11.16
C PHE A 59 -1.16 15.45 -11.73
N LEU A 60 -2.30 15.05 -11.19
CA LEU A 60 -3.11 13.91 -11.77
C LEU A 60 -3.44 14.10 -13.24
N SER A 61 -3.65 15.36 -13.65
CA SER A 61 -3.92 15.61 -15.10
C SER A 61 -2.76 15.24 -16.03
N LYS A 62 -1.56 14.95 -15.49
CA LYS A 62 -0.40 14.61 -16.37
C LYS A 62 -0.04 13.13 -16.33
N ILE A 63 -0.61 12.38 -15.38
CA ILE A 63 -0.10 11.00 -15.21
C ILE A 63 -0.44 9.97 -16.29
N MET A 64 -1.43 10.23 -17.14
CA MET A 64 -1.85 9.28 -18.16
C MET A 64 -1.14 9.60 -19.49
N TYR A 65 -0.35 10.70 -19.56
CA TYR A 65 0.07 11.27 -20.84
C TYR A 65 1.57 11.22 -21.13
N GLY A 66 2.30 10.33 -20.44
CA GLY A 66 3.69 10.10 -20.78
C GLY A 66 3.76 9.69 -22.25
N GLN A 67 4.81 10.09 -22.94
CA GLN A 67 4.84 9.88 -24.43
C GLN A 67 4.93 8.38 -24.79
N ASP A 68 5.45 7.60 -23.84
CA ASP A 68 5.60 6.16 -24.11
C ASP A 68 4.49 5.25 -23.54
N ARG A 69 3.29 5.80 -23.34
CA ARG A 69 2.11 4.99 -22.97
C ARG A 69 2.05 3.77 -23.90
N LEU A 70 1.77 2.61 -23.30
CA LEU A 70 1.63 1.36 -24.07
C LEU A 70 0.31 1.39 -24.84
N THR A 71 0.33 1.05 -26.15
CA THR A 71 -0.86 1.11 -26.97
C THR A 71 -1.16 -0.17 -27.74
N ARG A 72 -0.19 -1.09 -27.77
CA ARG A 72 -0.35 -2.37 -28.45
C ARG A 72 0.27 -3.50 -27.65
N PRO A 73 -0.32 -4.72 -27.70
CA PRO A 73 0.41 -5.90 -27.11
C PRO A 73 1.79 -6.01 -27.74
N LEU A 74 2.79 -6.31 -26.91
CA LEU A 74 4.16 -6.58 -27.32
C LEU A 74 4.53 -8.00 -26.86
N MET A 75 5.03 -8.80 -27.80
CA MET A 75 5.36 -10.20 -27.44
C MET A 75 6.76 -10.52 -27.91
N ARG A 76 7.58 -11.22 -27.12
CA ARG A 76 8.92 -11.56 -27.58
C ARG A 76 8.77 -12.56 -28.70
N MET A 77 9.40 -12.21 -29.85
CA MET A 77 9.25 -13.03 -31.05
C MET A 77 10.60 -13.20 -31.78
N LYS A 78 10.80 -14.41 -32.30
CA LYS A 78 12.03 -14.64 -33.07
C LYS A 78 11.58 -15.56 -34.19
N ASN A 79 11.97 -15.19 -35.41
CA ASN A 79 11.68 -16.04 -36.56
C ASN A 79 10.19 -16.33 -36.72
N GLY A 80 9.31 -15.36 -36.40
CA GLY A 80 7.87 -15.48 -36.63
C GLY A 80 7.08 -16.18 -35.52
N LYS A 81 7.70 -16.44 -34.36
CA LYS A 81 6.91 -17.11 -33.35
C LYS A 81 7.39 -16.66 -31.95
N TYR A 82 6.56 -16.95 -30.94
CA TYR A 82 6.95 -16.63 -29.56
C TYR A 82 8.32 -17.24 -29.24
N ASP A 83 9.26 -16.45 -28.71
CA ASP A 83 10.48 -17.00 -28.21
C ASP A 83 10.95 -16.23 -26.98
N LYS A 84 11.29 -16.93 -25.92
CA LYS A 84 11.81 -16.31 -24.66
C LYS A 84 12.96 -15.37 -24.88
N ASN A 85 13.78 -15.65 -25.91
CA ASN A 85 14.98 -14.93 -26.20
C ASN A 85 14.73 -13.83 -27.23
N GLY A 86 13.50 -13.83 -27.79
CA GLY A 86 13.12 -12.81 -28.78
C GLY A 86 13.03 -11.39 -28.28
N ASP A 87 13.28 -10.42 -29.19
CA ASP A 87 12.96 -9.04 -28.90
C ASP A 87 11.44 -8.84 -28.95
N PHE A 88 10.92 -7.85 -28.18
CA PHE A 88 9.45 -7.59 -28.26
C PHE A 88 9.07 -7.05 -29.62
N ALA A 89 7.96 -7.51 -30.14
CA ALA A 89 7.41 -7.04 -31.39
C ALA A 89 5.89 -6.80 -31.17
N PRO A 90 5.27 -5.81 -31.88
CA PRO A 90 3.83 -5.64 -31.66
C PRO A 90 3.03 -6.77 -32.24
N VAL A 91 1.96 -7.15 -31.54
CA VAL A 91 1.07 -8.24 -31.98
C VAL A 91 -0.36 -7.83 -31.68
N THR A 92 -1.34 -8.54 -32.23
CA THR A 92 -2.71 -8.23 -31.91
C THR A 92 -3.11 -8.78 -30.56
N TRP A 93 -4.21 -8.25 -30.04
CA TRP A 93 -4.87 -8.89 -28.81
C TRP A 93 -5.22 -10.39 -28.97
N ASP A 94 -5.75 -10.75 -30.16
CA ASP A 94 -5.98 -12.18 -30.43
C ASP A 94 -4.68 -12.97 -30.42
N GLN A 95 -3.66 -12.46 -31.10
CA GLN A 95 -2.32 -13.09 -31.03
C GLN A 95 -1.76 -13.27 -29.60
N ALA A 96 -1.81 -12.19 -28.83
CA ALA A 96 -1.39 -12.23 -27.41
C ALA A 96 -2.18 -13.29 -26.64
N PHE A 97 -3.50 -13.24 -26.72
CA PHE A 97 -4.31 -14.18 -25.94
C PHE A 97 -4.16 -15.62 -26.50
N ASP A 98 -3.94 -15.80 -27.81
CA ASP A 98 -3.62 -17.15 -28.30
C ASP A 98 -2.41 -17.73 -27.64
N GLU A 99 -1.37 -16.96 -27.56
CA GLU A 99 -0.14 -17.48 -26.95
C GLU A 99 -0.35 -17.67 -25.45
N MET A 100 -1.01 -16.69 -24.82
CA MET A 100 -1.27 -16.91 -23.39
C MET A 100 -2.03 -18.19 -23.15
N GLU A 101 -3.05 -18.46 -23.99
CA GLU A 101 -3.92 -19.59 -23.85
C GLU A 101 -3.06 -20.83 -24.01
N ARG A 102 -2.24 -20.85 -25.08
CA ARG A 102 -1.33 -22.05 -25.29
C ARG A 102 -0.46 -22.31 -24.07
N GLN A 103 0.13 -21.23 -23.52
CA GLN A 103 1.11 -21.36 -22.47
C GLN A 103 0.39 -21.83 -21.16
N PHE A 104 -0.70 -21.15 -20.77
CA PHE A 104 -1.44 -21.54 -19.59
C PHE A 104 -1.96 -22.99 -19.73
N LYS A 105 -2.48 -23.35 -20.91
CA LYS A 105 -3.04 -24.72 -21.01
C LYS A 105 -1.94 -25.75 -20.94
N ARG A 106 -0.82 -25.48 -21.61
CA ARG A 106 0.37 -26.39 -21.51
C ARG A 106 0.79 -26.66 -20.05
N VAL A 107 0.95 -25.54 -19.29
CA VAL A 107 1.36 -25.64 -17.90
C VAL A 107 0.31 -26.38 -17.05
N LEU A 108 -0.99 -26.05 -17.22
CA LEU A 108 -2.02 -26.70 -16.47
C LEU A 108 -2.02 -28.22 -16.71
N LYS A 109 -1.83 -28.65 -17.95
CA LYS A 109 -1.87 -30.10 -18.24
C LYS A 109 -0.64 -30.76 -17.68
N GLU A 110 0.51 -30.10 -17.72
CA GLU A 110 1.76 -30.80 -17.36
C GLU A 110 1.97 -30.78 -15.87
N LYS A 111 1.60 -29.66 -15.24
CA LYS A 111 1.91 -29.42 -13.82
C LYS A 111 0.77 -29.11 -12.91
N GLY A 112 -0.39 -28.77 -13.49
CA GLY A 112 -1.54 -28.40 -12.64
C GLY A 112 -1.51 -26.96 -12.11
N PRO A 113 -2.55 -26.57 -11.37
CA PRO A 113 -2.80 -25.17 -11.01
C PRO A 113 -1.83 -24.59 -10.03
N THR A 114 -1.04 -25.43 -9.34
CA THR A 114 0.01 -24.81 -8.51
C THR A 114 1.15 -24.19 -9.34
N ALA A 115 1.16 -24.41 -10.65
CA ALA A 115 2.20 -23.86 -11.52
C ALA A 115 1.70 -22.65 -12.38
N VAL A 116 0.46 -22.19 -12.15
CA VAL A 116 0.02 -20.94 -12.74
C VAL A 116 -0.12 -19.92 -11.61
N GLY A 117 -0.05 -18.64 -11.97
CA GLY A 117 -0.17 -17.65 -10.88
C GLY A 117 -0.49 -16.26 -11.37
N MET A 118 -0.76 -15.39 -10.38
CA MET A 118 -1.06 -13.95 -10.71
C MET A 118 -0.53 -13.14 -9.58
N PHE A 119 0.07 -11.99 -9.99
CA PHE A 119 0.51 -11.04 -8.98
C PHE A 119 -0.27 -9.75 -9.25
N GLY A 120 -1.20 -9.43 -8.35
CA GLY A 120 -2.15 -8.33 -8.56
C GLY A 120 -1.81 -7.14 -7.65
N SER A 121 -2.86 -6.38 -7.31
CA SER A 121 -2.55 -5.05 -6.87
C SER A 121 -3.67 -4.44 -6.03
N GLY A 122 -3.22 -3.64 -5.07
CA GLY A 122 -4.11 -2.75 -4.33
C GLY A 122 -4.38 -1.46 -5.14
N GLN A 123 -3.98 -1.41 -6.41
CA GLN A 123 -4.39 -0.34 -7.31
C GLN A 123 -5.28 -0.92 -8.39
N TRP A 124 -5.65 -2.21 -8.27
CA TRP A 124 -6.82 -2.75 -8.98
C TRP A 124 -8.07 -2.07 -8.45
N THR A 125 -9.03 -1.86 -9.38
CA THR A 125 -10.37 -1.48 -8.93
C THR A 125 -10.99 -2.64 -8.18
N VAL A 126 -11.99 -2.34 -7.33
CA VAL A 126 -12.62 -3.46 -6.61
C VAL A 126 -13.08 -4.59 -7.53
N TRP A 127 -13.73 -4.27 -8.67
CA TRP A 127 -14.18 -5.30 -9.60
C TRP A 127 -13.08 -6.00 -10.35
N GLU A 128 -11.94 -5.35 -10.57
CA GLU A 128 -10.82 -6.05 -11.13
C GLU A 128 -10.35 -7.10 -10.16
N GLY A 129 -10.17 -6.71 -8.92
CA GLY A 129 -9.58 -7.72 -7.99
C GLY A 129 -10.60 -8.89 -7.86
N TYR A 130 -11.89 -8.59 -7.77
CA TYR A 130 -12.91 -9.64 -7.62
C TYR A 130 -12.92 -10.53 -8.84
N ALA A 131 -12.84 -9.94 -10.07
CA ALA A 131 -12.83 -10.79 -11.25
C ALA A 131 -11.59 -11.69 -11.23
N ALA A 132 -10.44 -11.16 -10.81
CA ALA A 132 -9.16 -11.96 -10.85
C ALA A 132 -9.28 -13.08 -9.78
N ALA A 133 -9.82 -12.77 -8.59
CA ALA A 133 -9.98 -13.80 -7.52
C ALA A 133 -10.86 -14.94 -8.03
N LYS A 134 -11.94 -14.60 -8.75
CA LYS A 134 -12.77 -15.69 -9.30
C LYS A 134 -12.02 -16.51 -10.34
N LEU A 135 -11.37 -15.80 -11.25
CA LEU A 135 -10.62 -16.47 -12.33
C LEU A 135 -9.65 -17.48 -11.77
N TYR A 136 -8.83 -17.06 -10.81
CA TYR A 136 -7.83 -18.03 -10.26
C TYR A 136 -8.47 -19.01 -9.26
N LYS A 137 -9.22 -18.56 -8.25
CA LYS A 137 -9.56 -19.45 -7.13
C LYS A 137 -10.72 -20.38 -7.58
N ALA A 138 -11.64 -19.86 -8.38
CA ALA A 138 -12.81 -20.70 -8.79
C ALA A 138 -12.62 -21.29 -10.19
N GLY A 139 -11.84 -20.58 -11.03
CA GLY A 139 -11.69 -21.02 -12.46
C GLY A 139 -10.51 -21.96 -12.61
N PHE A 140 -9.30 -21.43 -12.47
CA PHE A 140 -8.11 -22.30 -12.48
C PHE A 140 -7.95 -23.22 -11.28
N ARG A 141 -8.65 -22.92 -10.19
CA ARG A 141 -8.49 -23.67 -8.94
C ARG A 141 -7.07 -23.53 -8.46
N SER A 142 -6.56 -22.30 -8.52
CA SER A 142 -5.19 -22.02 -8.02
C SER A 142 -5.32 -20.95 -6.95
N ASN A 143 -4.67 -21.15 -5.78
CA ASN A 143 -4.56 -20.01 -4.88
C ASN A 143 -3.31 -19.14 -5.10
N ASN A 144 -2.63 -19.27 -6.23
CA ASN A 144 -1.42 -18.47 -6.45
C ASN A 144 -1.85 -17.17 -7.01
N ILE A 145 -2.66 -16.45 -6.26
CA ILE A 145 -2.95 -15.07 -6.56
C ILE A 145 -2.61 -14.28 -5.29
N ASP A 146 -1.72 -13.30 -5.42
CA ASP A 146 -1.32 -12.50 -4.28
C ASP A 146 -1.01 -11.12 -4.80
N PRO A 147 -0.98 -10.12 -3.94
CA PRO A 147 -0.86 -8.76 -4.51
C PRO A 147 0.37 -8.02 -3.91
N ASN A 148 0.65 -6.87 -4.53
CA ASN A 148 1.68 -6.00 -3.94
C ASN A 148 1.35 -5.58 -2.52
N ALA A 149 0.08 -5.69 -2.12
CA ALA A 149 -0.30 -5.31 -0.71
C ALA A 149 0.23 -6.33 0.28
N ARG A 150 0.70 -7.48 -0.23
CA ARG A 150 1.46 -8.41 0.63
C ARG A 150 2.73 -7.75 1.24
N HIS A 151 3.39 -6.93 0.44
CA HIS A 151 4.57 -6.17 0.88
C HIS A 151 4.19 -5.06 1.84
N CYS A 152 2.89 -4.90 2.17
N CYS A 152 2.91 -4.92 2.21
CA CYS A 152 2.34 -3.63 2.68
CA CYS A 152 2.34 -3.67 2.72
C CYS A 152 1.46 -3.77 3.96
C CYS A 152 1.49 -3.79 3.99
N MET A 153 0.31 -4.42 3.81
CA MET A 153 -0.68 -4.43 4.88
C MET A 153 -0.89 -5.79 5.48
N ALA A 154 -0.12 -6.79 5.02
CA ALA A 154 -0.31 -8.14 5.50
C ALA A 154 -0.10 -8.30 7.00
N SER A 155 0.93 -7.57 7.54
CA SER A 155 1.14 -7.60 8.97
C SER A 155 -0.03 -6.91 9.69
N ALA A 156 -0.53 -5.80 9.11
CA ALA A 156 -1.66 -5.11 9.76
C ALA A 156 -2.87 -6.03 9.77
N ALA A 157 -3.15 -6.72 8.65
CA ALA A 157 -4.38 -7.58 8.59
C ALA A 157 -4.20 -8.78 9.54
N ALA A 158 -2.98 -9.35 9.62
CA ALA A 158 -2.76 -10.46 10.59
C ALA A 158 -2.95 -9.93 11.99
N GLY A 159 -2.42 -8.73 12.27
CA GLY A 159 -2.52 -8.12 13.57
C GLY A 159 -4.01 -7.92 13.89
N PHE A 160 -4.81 -7.36 12.97
CA PHE A 160 -6.26 -7.25 13.21
C PHE A 160 -6.92 -8.59 13.45
N MET A 161 -6.61 -9.59 12.62
CA MET A 161 -7.34 -10.87 12.75
C MET A 161 -6.99 -11.45 14.14
N ARG A 162 -5.74 -11.34 14.58
CA ARG A 162 -5.33 -11.89 15.92
C ARG A 162 -5.97 -11.17 17.10
N THR A 163 -5.99 -9.84 17.08
CA THR A 163 -6.45 -9.07 18.22
C THR A 163 -7.98 -8.96 18.17
N PHE A 164 -8.57 -8.81 16.97
CA PHE A 164 -10.02 -8.45 16.88
C PHE A 164 -10.87 -9.46 16.15
N GLY A 165 -10.21 -10.35 15.40
CA GLY A 165 -10.93 -11.36 14.62
C GLY A 165 -11.61 -10.83 13.35
N MET A 166 -11.35 -9.59 13.00
CA MET A 166 -11.91 -8.94 11.80
C MET A 166 -10.94 -7.83 11.33
N ASP A 167 -10.89 -7.58 10.03
CA ASP A 167 -9.88 -6.66 9.53
C ASP A 167 -10.32 -5.21 9.58
N GLU A 168 -9.31 -4.35 9.49
CA GLU A 168 -9.38 -2.89 9.25
C GLU A 168 -9.78 -2.05 10.46
N PRO A 169 -9.41 -0.76 10.41
CA PRO A 169 -9.57 0.08 11.61
C PRO A 169 -10.99 0.12 12.15
N MET A 170 -11.05 0.33 13.47
CA MET A 170 -12.37 0.60 14.07
C MET A 170 -12.63 2.09 14.25
N GLY A 171 -11.61 2.93 14.08
CA GLY A 171 -11.73 4.38 14.04
C GLY A 171 -11.87 4.95 12.60
N CYS A 172 -11.72 6.27 12.49
CA CYS A 172 -11.93 6.88 11.16
C CYS A 172 -11.23 8.21 11.14
N TYR A 173 -11.24 8.90 9.97
CA TYR A 173 -10.49 10.15 9.90
C TYR A 173 -11.05 11.22 10.92
N ASP A 174 -12.33 11.08 11.31
CA ASP A 174 -12.85 12.08 12.26
C ASP A 174 -12.02 12.08 13.57
N ASP A 175 -11.29 11.00 13.85
CA ASP A 175 -10.44 10.95 15.06
C ASP A 175 -9.38 12.01 15.05
N PHE A 176 -8.95 12.49 13.85
CA PHE A 176 -7.91 13.53 13.78
C PHE A 176 -8.40 14.82 14.39
N GLU A 177 -9.71 15.06 14.35
CA GLU A 177 -10.25 16.31 14.97
C GLU A 177 -10.54 16.18 16.45
N ALA A 178 -10.42 14.98 16.99
CA ALA A 178 -10.77 14.75 18.40
C ALA A 178 -9.59 14.34 19.29
N ALA A 179 -8.49 13.86 18.70
CA ALA A 179 -7.31 13.43 19.47
C ALA A 179 -6.66 14.56 20.28
N ASP A 180 -6.12 14.19 21.46
CA ASP A 180 -5.30 15.13 22.26
C ASP A 180 -3.81 14.81 22.07
N ALA A 181 -3.50 13.60 21.58
CA ALA A 181 -2.09 13.23 21.34
C ALA A 181 -2.08 12.35 20.12
N PHE A 182 -1.18 12.72 19.23
CA PHE A 182 -0.89 11.82 18.08
C PHE A 182 0.44 11.19 18.28
N VAL A 183 0.49 9.85 18.07
CA VAL A 183 1.77 9.13 18.23
C VAL A 183 2.09 8.40 16.96
N LEU A 184 3.07 8.96 16.23
CA LEU A 184 3.47 8.37 14.90
C LEU A 184 4.61 7.35 15.14
N TRP A 185 4.25 6.07 14.97
CA TRP A 185 5.17 4.97 15.22
C TRP A 185 5.89 4.67 13.94
N GLY A 186 6.73 5.57 13.50
CA GLY A 186 7.52 5.42 12.22
C GLY A 186 6.79 5.86 10.97
N SER A 187 5.55 6.28 11.07
CA SER A 187 4.84 6.84 9.90
C SER A 187 5.48 8.12 9.48
N ASN A 188 5.74 8.32 8.16
CA ASN A 188 6.19 9.66 7.71
C ASN A 188 5.01 10.31 6.98
N MET A 189 4.04 10.77 7.81
CA MET A 189 2.79 11.25 7.25
C MET A 189 2.97 12.50 6.37
N ALA A 190 3.93 13.34 6.72
CA ALA A 190 4.11 14.61 6.04
C ALA A 190 4.35 14.38 4.56
N GLU A 191 5.04 13.29 4.23
CA GLU A 191 5.29 12.99 2.82
C GLU A 191 4.36 11.87 2.24
N MET A 192 3.87 10.97 3.12
CA MET A 192 3.22 9.74 2.68
C MET A 192 1.74 9.69 2.96
N HIS A 193 1.22 10.56 3.86
CA HIS A 193 -0.25 10.71 3.90
C HIS A 193 -0.47 12.20 4.07
N PRO A 194 -0.08 13.01 3.05
CA PRO A 194 -0.01 14.46 3.27
C PRO A 194 -1.29 15.10 3.80
N ILE A 195 -2.46 14.76 3.26
CA ILE A 195 -3.68 15.45 3.70
C ILE A 195 -4.05 15.00 5.17
N LEU A 196 -3.72 13.78 5.53
CA LEU A 196 -3.97 13.36 6.95
C LEU A 196 -3.00 14.14 7.87
N TRP A 197 -1.78 14.35 7.41
CA TRP A 197 -0.86 15.19 8.19
C TRP A 197 -1.37 16.63 8.26
N THR A 198 -1.99 17.11 7.17
CA THR A 198 -2.64 18.42 7.35
C THR A 198 -3.76 18.44 8.41
N ARG A 199 -4.53 17.33 8.54
CA ARG A 199 -5.54 17.26 9.60
C ARG A 199 -4.84 17.19 10.98
N VAL A 200 -3.71 16.47 11.11
CA VAL A 200 -2.90 16.48 12.34
C VAL A 200 -2.46 17.90 12.67
N THR A 201 -1.97 18.61 11.66
CA THR A 201 -1.35 19.91 11.86
C THR A 201 -2.45 20.88 12.24
N ASP A 202 -3.60 20.76 11.59
CA ASP A 202 -4.70 21.67 11.95
C ASP A 202 -5.08 21.47 13.41
N ARG A 203 -5.25 20.21 13.84
CA ARG A 203 -5.67 19.93 15.23
C ARG A 203 -4.62 20.49 16.16
N ARG A 204 -3.35 20.28 15.83
CA ARG A 204 -2.29 20.66 16.76
C ARG A 204 -2.13 22.17 16.84
N LEU A 205 -2.22 22.86 15.71
CA LEU A 205 -1.94 24.34 15.77
C LEU A 205 -3.18 25.08 16.30
N SER A 206 -4.37 24.53 16.11
CA SER A 206 -5.66 25.14 16.48
C SER A 206 -5.98 24.80 17.91
N HIS A 207 -5.46 23.68 18.42
CA HIS A 207 -5.71 23.25 19.85
C HIS A 207 -4.40 22.89 20.47
N PRO A 208 -3.62 23.91 20.90
CA PRO A 208 -2.22 23.69 21.12
C PRO A 208 -1.83 22.97 22.40
N LYS A 209 -2.80 22.56 23.19
CA LYS A 209 -2.50 21.62 24.28
C LYS A 209 -2.27 20.23 23.67
N THR A 210 -2.79 20.00 22.47
CA THR A 210 -2.55 18.74 21.75
C THR A 210 -1.04 18.46 21.62
N ARG A 211 -0.64 17.17 21.76
CA ARG A 211 0.77 16.81 21.59
C ARG A 211 0.98 15.93 20.33
N VAL A 212 2.04 16.24 19.60
CA VAL A 212 2.42 15.38 18.43
C VAL A 212 3.71 14.73 18.81
N VAL A 213 3.71 13.39 18.83
CA VAL A 213 4.93 12.64 19.16
C VAL A 213 5.32 11.86 17.90
N VAL A 214 6.53 12.06 17.41
CA VAL A 214 6.99 11.35 16.23
C VAL A 214 8.19 10.48 16.60
N LEU A 215 8.02 9.17 16.36
CA LEU A 215 9.08 8.17 16.57
C LEU A 215 9.55 7.72 15.21
N SER A 216 10.84 7.66 15.00
CA SER A 216 11.30 7.27 13.68
C SER A 216 12.71 6.70 13.76
N THR A 217 13.17 5.93 12.76
CA THR A 217 14.61 5.58 12.72
C THR A 217 15.49 6.66 12.01
N PHE A 218 14.86 7.71 11.46
CA PHE A 218 15.62 8.85 10.93
C PHE A 218 14.76 10.11 11.03
N THR A 219 15.44 11.26 11.07
CA THR A 219 14.69 12.52 11.20
C THR A 219 14.10 12.86 9.80
N HIS A 220 12.84 13.28 9.73
CA HIS A 220 12.22 13.65 8.44
C HIS A 220 11.25 14.78 8.72
N ARG A 221 10.49 15.18 7.68
CA ARG A 221 9.60 16.34 7.83
C ARG A 221 8.55 16.30 8.95
N CYS A 222 8.12 15.13 9.44
CA CYS A 222 7.18 15.10 10.56
C CYS A 222 7.77 15.79 11.80
N PHE A 223 9.10 15.82 11.89
CA PHE A 223 9.77 16.38 13.07
C PHE A 223 9.66 17.88 13.07
N ASP A 224 9.26 18.44 11.95
CA ASP A 224 8.97 19.88 11.90
C ASP A 224 7.71 20.29 12.65
N LEU A 225 6.87 19.35 13.08
CA LEU A 225 5.72 19.67 13.89
C LEU A 225 5.86 19.05 15.29
N ALA A 226 6.70 18.03 15.43
CA ALA A 226 6.70 17.24 16.64
C ALA A 226 6.95 18.09 17.91
N ASP A 227 6.16 17.81 18.96
CA ASP A 227 6.46 18.27 20.34
C ASP A 227 7.51 17.41 20.97
N ILE A 228 7.51 16.11 20.67
CA ILE A 228 8.45 15.16 21.18
C ILE A 228 8.86 14.31 19.99
N GLY A 229 10.14 14.32 19.75
CA GLY A 229 10.74 13.54 18.63
C GLY A 229 11.63 12.50 19.22
N ILE A 230 11.50 11.26 18.73
CA ILE A 230 12.23 10.11 19.27
C ILE A 230 12.82 9.37 18.07
N ILE A 231 14.13 9.35 18.02
CA ILE A 231 14.86 8.48 17.13
C ILE A 231 15.25 7.24 17.87
N PHE A 232 14.86 6.11 17.32
CA PHE A 232 15.16 4.82 17.95
C PHE A 232 15.82 3.81 16.98
N LYS A 233 16.56 2.86 17.55
CA LYS A 233 17.29 1.85 16.77
CA LYS A 233 17.28 1.84 16.79
C LYS A 233 16.27 0.93 16.06
N PRO A 234 16.53 0.63 14.79
CA PRO A 234 15.59 -0.25 14.06
C PRO A 234 15.16 -1.48 14.89
N GLN A 235 13.86 -1.79 14.83
CA GLN A 235 13.24 -3.00 15.41
C GLN A 235 13.04 -2.90 16.96
N THR A 236 13.58 -1.86 17.58
CA THR A 236 13.52 -1.81 19.06
C THR A 236 12.21 -1.14 19.45
N ASP A 237 11.39 -0.80 18.44
CA ASP A 237 10.01 -0.42 18.76
C ASP A 237 9.25 -1.48 19.57
N LEU A 238 9.52 -2.77 19.31
CA LEU A 238 8.90 -3.85 20.08
C LEU A 238 9.15 -3.64 21.58
N ALA A 239 10.41 -3.28 21.91
CA ALA A 239 10.78 -3.13 23.35
C ALA A 239 10.11 -1.86 23.91
N MET A 240 10.06 -0.80 23.09
CA MET A 240 9.32 0.41 23.54
C MET A 240 7.84 0.22 23.77
N LEU A 241 7.21 -0.57 22.90
CA LEU A 241 5.77 -0.82 23.11
C LEU A 241 5.57 -1.59 24.46
N ASN A 242 6.40 -2.61 24.71
CA ASN A 242 6.27 -3.30 26.00
C ASN A 242 6.56 -2.39 27.22
N TYR A 243 7.50 -1.48 27.04
CA TYR A 243 7.83 -0.54 28.13
C TYR A 243 6.58 0.27 28.49
N ILE A 244 5.83 0.71 27.48
CA ILE A 244 4.62 1.50 27.73
C ILE A 244 3.55 0.65 28.46
N ALA A 245 3.42 -0.59 28.03
CA ALA A 245 2.44 -1.47 28.65
C ALA A 245 2.85 -1.65 30.13
N ASN A 246 4.14 -1.84 30.38
CA ASN A 246 4.64 -1.99 31.75
C ASN A 246 4.38 -0.73 32.53
N TYR A 247 4.72 0.42 31.94
CA TYR A 247 4.40 1.67 32.58
C TYR A 247 2.93 1.82 32.99
N ILE A 248 2.01 1.51 32.06
CA ILE A 248 0.61 1.64 32.36
C ILE A 248 0.27 0.74 33.56
N ILE A 249 0.82 -0.47 33.59
CA ILE A 249 0.47 -1.41 34.68
C ILE A 249 1.09 -0.94 36.03
N ARG A 250 2.35 -0.57 35.99
CA ARG A 250 3.15 -0.28 37.21
C ARG A 250 2.62 1.02 37.78
N ASN A 251 2.07 1.92 36.95
CA ASN A 251 1.47 3.17 37.48
C ASN A 251 -0.02 3.13 37.69
N ASN A 252 -0.56 1.92 37.69
CA ASN A 252 -1.96 1.67 38.06
C ASN A 252 -2.96 2.43 37.22
N LYS A 253 -2.73 2.40 35.91
CA LYS A 253 -3.56 3.16 34.97
C LYS A 253 -4.24 2.19 34.01
N VAL A 254 -4.32 0.91 34.36
CA VAL A 254 -5.14 -0.04 33.56
C VAL A 254 -6.57 0.40 33.74
N ASN A 255 -7.34 0.31 32.68
CA ASN A 255 -8.80 0.58 32.75
C ASN A 255 -9.38 -0.78 33.07
N LYS A 256 -9.50 -1.08 34.38
CA LYS A 256 -9.76 -2.44 34.78
C LYS A 256 -11.14 -2.90 34.35
N ASP A 257 -12.13 -2.03 34.36
CA ASP A 257 -13.44 -2.51 33.96
C ASP A 257 -13.47 -2.89 32.47
N PHE A 258 -12.79 -2.08 31.70
CA PHE A 258 -12.65 -2.39 30.25
C PHE A 258 -11.94 -3.69 30.03
N VAL A 259 -10.78 -3.84 30.66
CA VAL A 259 -10.04 -5.07 30.55
C VAL A 259 -10.83 -6.26 31.01
N ASN A 260 -11.51 -6.18 32.16
CA ASN A 260 -12.28 -7.38 32.58
C ASN A 260 -13.45 -7.70 31.67
N LYS A 261 -14.13 -6.68 31.15
CA LYS A 261 -15.30 -6.94 30.31
C LYS A 261 -15.00 -7.31 28.86
N HIS A 262 -13.90 -6.78 28.35
CA HIS A 262 -13.72 -6.72 26.90
C HIS A 262 -12.43 -7.31 26.37
N THR A 263 -11.55 -7.84 27.23
CA THR A 263 -10.28 -8.34 26.72
C THR A 263 -9.97 -9.71 27.33
N VAL A 264 -9.15 -10.47 26.62
CA VAL A 264 -8.44 -11.64 27.16
C VAL A 264 -6.94 -11.50 26.86
N PHE A 265 -6.15 -12.46 27.38
CA PHE A 265 -4.69 -12.34 27.27
C PHE A 265 -4.13 -13.59 26.71
N LYS A 266 -3.18 -13.45 25.76
CA LYS A 266 -2.48 -14.59 25.21
C LYS A 266 -0.98 -14.35 25.22
N GLU A 267 -0.22 -15.43 25.13
CA GLU A 267 1.22 -15.32 24.99
C GLU A 267 1.60 -16.02 23.71
N GLY A 268 2.26 -15.29 22.79
CA GLY A 268 2.63 -15.86 21.51
C GLY A 268 3.90 -16.71 21.51
N VAL A 269 3.98 -17.65 20.59
CA VAL A 269 5.18 -18.47 20.39
C VAL A 269 6.31 -17.55 19.90
N THR A 270 7.55 -17.88 20.24
CA THR A 270 8.64 -17.00 19.95
C THR A 270 9.64 -17.74 19.10
N ASP A 271 10.74 -17.06 18.79
CA ASP A 271 11.82 -17.71 17.97
C ASP A 271 11.23 -18.36 16.64
N ILE A 272 10.55 -17.52 15.87
CA ILE A 272 9.77 -17.97 14.75
C ILE A 272 10.45 -17.78 13.37
N GLY A 273 11.75 -17.45 13.38
CA GLY A 273 12.53 -17.40 12.11
C GLY A 273 12.20 -16.12 11.37
N TYR A 274 12.46 -16.10 10.07
CA TYR A 274 12.45 -14.80 9.36
C TYR A 274 11.94 -14.99 7.93
N GLY A 275 11.14 -16.05 7.70
CA GLY A 275 10.41 -16.22 6.40
C GLY A 275 11.32 -16.40 5.22
N LEU A 276 12.55 -16.86 5.50
CA LEU A 276 13.52 -17.12 4.46
C LEU A 276 13.35 -18.55 3.87
N ARG A 277 14.14 -18.85 2.82
CA ARG A 277 14.12 -20.20 2.28
C ARG A 277 14.44 -21.15 3.41
N PRO A 278 13.86 -22.34 3.31
CA PRO A 278 13.98 -23.24 4.51
C PRO A 278 15.38 -23.74 4.78
N ASP A 279 16.29 -23.71 3.80
CA ASP A 279 17.67 -24.08 4.07
C ASP A 279 18.56 -22.92 4.49
N HIS A 280 18.00 -21.68 4.55
CA HIS A 280 18.71 -20.58 5.12
C HIS A 280 19.05 -20.88 6.59
N PRO A 281 20.32 -20.58 6.98
CA PRO A 281 20.69 -20.84 8.37
C PRO A 281 19.79 -20.22 9.42
N LEU A 282 19.17 -19.01 9.17
CA LEU A 282 18.22 -18.47 10.11
C LEU A 282 16.97 -19.28 10.26
N GLN A 283 16.52 -19.96 9.19
CA GLN A 283 15.36 -20.77 9.31
C GLN A 283 15.65 -22.04 10.03
N LYS A 284 16.81 -22.61 9.72
CA LYS A 284 17.21 -23.83 10.42
C LYS A 284 17.40 -23.54 11.92
N ALA A 285 17.85 -22.32 12.29
CA ALA A 285 18.13 -21.98 13.62
C ALA A 285 16.87 -21.79 14.43
N ALA A 286 15.76 -21.45 13.77
CA ALA A 286 14.58 -21.02 14.51
C ALA A 286 13.96 -22.29 15.16
N LYS A 287 13.30 -22.14 16.29
CA LYS A 287 12.59 -23.31 16.84
C LYS A 287 11.13 -23.48 16.38
N ASN A 288 10.47 -22.36 16.10
CA ASN A 288 9.05 -22.38 15.92
C ASN A 288 8.62 -21.75 14.60
N ALA A 289 9.36 -22.04 13.52
CA ALA A 289 8.97 -21.48 12.23
C ALA A 289 7.77 -22.17 11.64
N SER A 290 7.49 -23.41 12.08
CA SER A 290 6.46 -24.19 11.42
C SER A 290 5.04 -23.66 11.69
N ASP A 291 4.81 -23.11 12.87
CA ASP A 291 3.46 -22.55 13.21
C ASP A 291 3.70 -21.26 13.99
N PRO A 292 4.10 -20.19 13.26
CA PRO A 292 4.69 -19.04 13.90
C PRO A 292 3.70 -18.09 14.56
N GLY A 293 2.40 -18.34 14.33
CA GLY A 293 1.28 -17.52 14.93
C GLY A 293 0.64 -18.20 16.16
N ALA A 294 1.14 -19.35 16.58
CA ALA A 294 0.51 -20.02 17.72
C ALA A 294 0.55 -19.14 18.96
N ALA A 295 -0.42 -19.35 19.87
CA ALA A 295 -0.34 -18.62 21.12
C ALA A 295 -1.11 -19.47 22.16
N LYS A 296 -0.94 -19.14 23.41
CA LYS A 296 -1.67 -19.83 24.50
C LYS A 296 -2.37 -18.81 25.32
N VAL A 297 -3.45 -19.25 26.00
CA VAL A 297 -4.19 -18.33 26.90
C VAL A 297 -3.40 -18.12 28.14
N ILE A 298 -3.34 -16.89 28.61
CA ILE A 298 -2.67 -16.58 29.89
C ILE A 298 -3.55 -15.63 30.74
N THR A 299 -3.12 -15.32 31.99
CA THR A 299 -3.78 -14.30 32.74
C THR A 299 -3.21 -12.91 32.65
N PHE A 300 -3.98 -11.93 33.10
CA PHE A 300 -3.48 -10.61 33.23
C PHE A 300 -2.15 -10.58 33.96
N ASP A 301 -2.05 -11.37 35.03
CA ASP A 301 -0.85 -11.25 35.86
C ASP A 301 0.36 -11.77 35.15
N GLU A 302 0.16 -12.78 34.33
CA GLU A 302 1.29 -13.38 33.58
C GLU A 302 1.74 -12.37 32.53
N PHE A 303 0.77 -11.63 31.99
CA PHE A 303 1.05 -10.54 31.01
C PHE A 303 1.86 -9.42 31.71
N ALA A 304 1.41 -8.98 32.89
CA ALA A 304 2.15 -7.92 33.65
C ALA A 304 3.58 -8.34 33.98
N LYS A 305 3.79 -9.61 34.37
CA LYS A 305 5.12 -10.14 34.66
C LYS A 305 5.99 -10.13 33.39
N PHE A 306 5.38 -10.59 32.31
CA PHE A 306 6.07 -10.65 31.03
C PHE A 306 6.63 -9.23 30.67
N VAL A 307 5.76 -8.21 30.65
CA VAL A 307 6.22 -6.91 30.27
C VAL A 307 7.07 -6.20 31.30
N SER A 308 7.00 -6.70 32.57
CA SER A 308 7.85 -6.08 33.61
C SER A 308 9.30 -6.23 33.35
N LYS A 309 9.70 -7.15 32.44
CA LYS A 309 11.14 -7.30 32.05
C LYS A 309 11.63 -6.11 31.22
N TYR A 310 10.68 -5.35 30.66
CA TYR A 310 10.95 -4.26 29.72
C TYR A 310 11.00 -2.98 30.53
N ASP A 311 12.03 -2.87 31.35
CA ASP A 311 12.12 -1.68 32.18
C ASP A 311 13.01 -0.62 31.53
N ALA A 312 13.15 0.50 32.20
CA ALA A 312 13.86 1.62 31.59
C ALA A 312 15.32 1.33 31.28
N ASP A 313 16.00 0.58 32.16
CA ASP A 313 17.37 0.23 31.90
C ASP A 313 17.54 -0.61 30.63
N TYR A 314 16.69 -1.62 30.49
CA TYR A 314 16.79 -2.53 29.35
C TYR A 314 16.39 -1.78 28.07
N VAL A 315 15.26 -1.09 28.15
CA VAL A 315 14.64 -0.50 26.93
C VAL A 315 15.44 0.70 26.46
N SER A 316 15.91 1.53 27.39
CA SER A 316 16.64 2.75 26.98
CA SER A 316 16.65 2.75 27.00
C SER A 316 17.98 2.35 26.36
N LYS A 317 18.65 1.35 26.94
CA LYS A 317 19.90 0.86 26.36
C LYS A 317 19.70 0.21 24.93
N LEU A 318 18.67 -0.60 24.81
CA LEU A 318 18.44 -1.34 23.56
C LEU A 318 18.05 -0.36 22.45
N SER A 319 17.15 0.58 22.80
CA SER A 319 16.50 1.44 21.79
C SER A 319 17.30 2.71 21.52
N ALA A 320 18.21 3.06 22.44
CA ALA A 320 18.93 4.35 22.47
C ALA A 320 18.04 5.57 22.75
N VAL A 321 16.85 5.37 23.32
CA VAL A 321 15.95 6.45 23.64
C VAL A 321 16.10 6.72 25.14
N PRO A 322 16.33 7.99 25.49
CA PRO A 322 16.49 8.38 26.92
C PRO A 322 15.22 8.05 27.72
N LYS A 323 15.44 7.59 28.93
CA LYS A 323 14.32 7.26 29.80
C LYS A 323 13.30 8.43 29.90
N ALA A 324 13.77 9.69 29.96
CA ALA A 324 12.79 10.78 30.13
C ALA A 324 11.75 10.82 28.98
N LYS A 325 12.23 10.52 27.77
CA LYS A 325 11.29 10.47 26.58
C LYS A 325 10.38 9.26 26.58
N LEU A 326 10.89 8.11 26.99
CA LEU A 326 10.05 6.87 27.06
C LEU A 326 8.95 7.18 28.04
N ASP A 327 9.31 7.92 29.09
CA ASP A 327 8.30 8.23 30.09
C ASP A 327 7.27 9.27 29.62
N GLN A 328 7.70 10.30 28.90
CA GLN A 328 6.78 11.29 28.39
C GLN A 328 5.78 10.61 27.50
N LEU A 329 6.30 9.72 26.65
CA LEU A 329 5.44 8.94 25.72
C LEU A 329 4.50 8.02 26.46
N ALA A 330 5.02 7.28 27.45
CA ALA A 330 4.21 6.31 28.13
C ALA A 330 3.11 7.05 28.88
N GLU A 331 3.41 8.25 29.41
CA GLU A 331 2.42 8.98 30.21
C GLU A 331 1.17 9.42 29.37
N LEU A 332 1.34 9.67 28.04
CA LEU A 332 0.20 10.08 27.21
C LEU A 332 -0.73 8.89 27.07
N TYR A 333 -0.17 7.69 26.88
CA TYR A 333 -0.95 6.49 26.85
C TYR A 333 -1.68 6.26 28.17
N ALA A 334 -0.97 6.49 29.27
CA ALA A 334 -1.52 6.13 30.59
C ALA A 334 -2.64 7.06 31.09
N ASP A 335 -2.53 8.34 30.78
CA ASP A 335 -3.38 9.36 31.40
C ASP A 335 -4.82 9.17 30.85
N PRO A 336 -5.80 8.81 31.70
CA PRO A 336 -7.16 8.50 31.26
C PRO A 336 -7.85 9.71 30.60
N ASN A 337 -7.33 10.91 30.77
CA ASN A 337 -7.93 12.10 30.22
C ASN A 337 -7.40 12.54 28.85
N ILE A 338 -6.43 11.80 28.34
CA ILE A 338 -5.79 12.18 27.10
C ILE A 338 -6.30 11.23 26.01
N LYS A 339 -6.89 11.77 24.95
CA LYS A 339 -7.38 10.90 23.84
C LYS A 339 -6.20 10.74 22.90
N VAL A 340 -5.83 9.49 22.65
CA VAL A 340 -4.56 9.14 21.93
C VAL A 340 -4.93 8.48 20.61
N MET A 341 -4.41 9.06 19.53
CA MET A 341 -4.50 8.42 18.19
C MET A 341 -3.06 7.96 17.88
N SER A 342 -2.87 6.62 17.84
CA SER A 342 -1.58 6.06 17.43
C SER A 342 -1.71 5.76 15.92
N LEU A 343 -0.61 6.05 15.21
CA LEU A 343 -0.66 5.91 13.75
C LEU A 343 0.60 5.14 13.38
N TRP A 344 0.45 4.18 12.44
CA TRP A 344 1.68 3.48 11.95
C TRP A 344 1.41 3.06 10.50
N THR A 345 2.54 2.91 9.79
CA THR A 345 2.52 2.56 8.40
C THR A 345 3.59 1.46 8.18
N MET A 346 4.54 1.59 7.23
CA MET A 346 5.38 0.48 6.89
C MET A 346 6.46 0.25 7.97
N GLY A 347 6.73 1.20 8.81
CA GLY A 347 7.66 0.93 9.89
C GLY A 347 7.22 -0.20 10.81
N PHE A 348 5.92 -0.34 11.04
CA PHE A 348 5.41 -1.48 11.81
C PHE A 348 5.15 -2.67 10.92
N ASN A 349 4.77 -2.49 9.62
CA ASN A 349 4.26 -3.65 8.85
C ASN A 349 5.36 -4.33 8.06
N GLN A 350 6.28 -3.54 7.50
CA GLN A 350 7.46 -4.12 6.79
C GLN A 350 8.51 -4.32 7.87
N HIS A 351 8.36 -5.42 8.62
CA HIS A 351 9.08 -5.52 9.90
C HIS A 351 9.03 -7.04 10.12
N THR A 352 10.17 -7.65 10.42
CA THR A 352 10.14 -9.12 10.60
C THR A 352 9.40 -9.53 11.87
N ARG A 353 8.98 -8.57 12.73
CA ARG A 353 7.98 -8.94 13.78
C ARG A 353 6.86 -7.92 13.74
N GLY A 354 6.42 -7.58 12.52
CA GLY A 354 5.46 -6.46 12.40
C GLY A 354 4.05 -6.85 12.80
N THR A 355 3.65 -8.11 12.62
CA THR A 355 2.38 -8.59 13.21
C THR A 355 2.39 -8.42 14.73
N TRP A 356 3.50 -8.83 15.37
CA TRP A 356 3.58 -8.56 16.81
C TRP A 356 3.50 -7.10 17.13
N ALA A 357 4.22 -6.22 16.37
CA ALA A 357 4.18 -4.79 16.69
C ALA A 357 2.75 -4.22 16.63
N ASN A 358 1.97 -4.65 15.62
CA ASN A 358 0.58 -4.29 15.46
C ASN A 358 -0.17 -4.73 16.78
N ASN A 359 -0.01 -6.00 17.16
CA ASN A 359 -0.65 -6.53 18.38
C ASN A 359 -0.25 -5.68 19.59
N MET A 360 1.02 -5.32 19.63
CA MET A 360 1.54 -4.65 20.78
C MET A 360 1.06 -3.21 20.92
N VAL A 361 0.84 -2.48 19.80
CA VAL A 361 0.28 -1.14 19.91
C VAL A 361 -1.24 -1.25 20.26
N TYR A 362 -1.95 -2.28 19.82
CA TYR A 362 -3.37 -2.46 20.21
C TYR A 362 -3.37 -2.78 21.74
N ASN A 363 -2.37 -3.51 22.22
CA ASN A 363 -2.30 -3.73 23.70
C ASN A 363 -2.38 -2.42 24.50
N LEU A 364 -1.74 -1.35 24.06
CA LEU A 364 -1.65 -0.06 24.81
C LEU A 364 -3.02 0.55 24.89
N HIS A 365 -3.75 0.47 23.79
CA HIS A 365 -5.10 0.98 23.73
C HIS A 365 -6.12 0.09 24.46
N LEU A 366 -5.92 -1.24 24.40
CA LEU A 366 -6.81 -2.15 25.12
C LEU A 366 -6.64 -2.07 26.62
N LEU A 367 -5.40 -1.94 27.06
CA LEU A 367 -5.18 -1.82 28.55
C LEU A 367 -5.89 -0.60 29.11
N THR A 368 -6.08 0.43 28.30
CA THR A 368 -6.61 1.71 28.79
C THR A 368 -8.05 1.98 28.35
N GLY A 369 -8.61 1.11 27.52
CA GLY A 369 -9.94 1.30 26.98
C GLY A 369 -10.01 2.42 25.95
N LYS A 370 -8.83 2.84 25.41
CA LYS A 370 -8.84 3.99 24.53
C LYS A 370 -9.00 3.50 23.11
N ILE A 371 -10.20 3.10 22.79
CA ILE A 371 -10.44 2.52 21.44
C ILE A 371 -11.86 2.73 20.97
N ALA A 372 -12.04 2.94 19.67
CA ALA A 372 -13.37 2.88 19.04
C ALA A 372 -14.25 4.07 19.45
N THR A 373 -13.62 5.11 19.94
CA THR A 373 -14.35 6.37 20.26
C THR A 373 -13.59 7.52 19.71
N PRO A 374 -14.24 8.68 19.48
CA PRO A 374 -13.60 9.82 18.78
C PRO A 374 -12.30 10.26 19.47
N GLY A 375 -11.23 10.13 18.71
CA GLY A 375 -9.94 10.61 19.16
C GLY A 375 -9.10 9.54 19.88
N ASN A 376 -9.71 8.41 20.21
CA ASN A 376 -9.09 7.32 20.99
C ASN A 376 -9.01 6.14 20.05
N SER A 377 -7.87 6.06 19.39
CA SER A 377 -7.92 5.44 18.02
C SER A 377 -6.53 4.83 17.68
N PRO A 378 -6.41 3.48 17.78
CA PRO A 378 -5.19 2.88 17.28
C PRO A 378 -5.50 2.69 15.82
N PHE A 379 -4.84 3.49 15.03
CA PHE A 379 -5.20 3.63 13.61
C PHE A 379 -4.10 3.22 12.62
N SER A 380 -4.22 2.00 12.10
CA SER A 380 -3.29 1.50 11.07
C SER A 380 -3.52 2.26 9.76
N LEU A 381 -2.49 2.93 9.22
CA LEU A 381 -2.63 3.71 7.97
C LEU A 381 -2.41 2.75 6.81
N THR A 382 -3.30 2.83 5.79
CA THR A 382 -3.04 1.93 4.62
C THR A 382 -2.31 2.76 3.55
N GLY A 383 -1.44 2.11 2.74
CA GLY A 383 -0.61 2.86 1.78
C GLY A 383 -1.26 3.02 0.42
N GLN A 384 -1.77 1.95 -0.17
CA GLN A 384 -2.28 2.06 -1.56
C GLN A 384 -3.72 2.59 -1.59
N PRO A 385 -4.17 3.05 -2.76
CA PRO A 385 -5.49 3.60 -2.79
C PRO A 385 -6.59 2.54 -2.54
N SER A 386 -6.27 1.28 -2.85
CA SER A 386 -7.26 0.21 -2.65
C SER A 386 -6.61 -1.12 -2.18
N ALA A 387 -5.56 -0.96 -1.41
CA ALA A 387 -5.10 -2.17 -0.61
C ALA A 387 -6.26 -2.60 0.28
N CYS A 388 -7.04 -1.64 0.84
CA CYS A 388 -8.25 -2.04 1.63
C CYS A 388 -9.42 -2.45 0.75
N GLY A 389 -9.95 -1.52 -0.06
CA GLY A 389 -11.18 -1.79 -0.83
C GLY A 389 -11.03 -3.00 -1.75
N THR A 390 -9.83 -3.16 -2.33
CA THR A 390 -9.57 -4.29 -3.21
C THR A 390 -8.85 -5.45 -2.57
N ALA A 391 -7.54 -5.31 -2.29
CA ALA A 391 -6.80 -6.50 -1.97
C ALA A 391 -7.36 -7.17 -0.72
N ARG A 392 -7.61 -6.40 0.32
CA ARG A 392 -7.97 -7.00 1.63
C ARG A 392 -9.44 -7.37 1.62
N GLU A 393 -10.32 -6.47 1.20
CA GLU A 393 -11.77 -6.78 1.33
C GLU A 393 -12.21 -7.85 0.30
N VAL A 394 -11.67 -7.77 -0.92
CA VAL A 394 -11.98 -8.86 -1.88
C VAL A 394 -11.23 -10.14 -1.56
N GLY A 395 -10.03 -9.99 -0.97
CA GLY A 395 -9.24 -11.19 -0.54
C GLY A 395 -8.42 -11.71 -1.73
N THR A 396 -7.71 -10.79 -2.40
CA THR A 396 -6.83 -11.21 -3.51
C THR A 396 -5.47 -11.67 -2.98
N PHE A 397 -5.49 -12.66 -2.05
CA PHE A 397 -4.24 -13.14 -1.41
C PHE A 397 -4.30 -14.67 -1.49
N SER A 398 -3.14 -15.24 -1.36
CA SER A 398 -2.94 -16.67 -1.52
C SER A 398 -3.63 -17.53 -0.44
N HIS A 399 -4.06 -16.95 0.64
CA HIS A 399 -4.75 -17.65 1.71
C HIS A 399 -6.22 -17.27 1.84
N ARG A 400 -6.71 -16.32 1.02
CA ARG A 400 -7.95 -15.65 1.36
C ARG A 400 -9.15 -15.98 0.47
N LEU A 401 -10.31 -15.74 1.07
CA LEU A 401 -11.58 -15.50 0.37
C LEU A 401 -12.10 -14.11 0.82
N PRO A 402 -13.21 -13.61 0.22
CA PRO A 402 -13.68 -12.28 0.52
C PRO A 402 -14.09 -12.09 1.98
N ALA A 403 -14.07 -10.84 2.43
CA ALA A 403 -14.67 -10.41 3.71
C ALA A 403 -14.09 -11.17 4.92
N ASP A 404 -12.75 -11.22 4.93
CA ASP A 404 -11.88 -11.81 5.99
C ASP A 404 -11.85 -13.33 5.92
N MET A 405 -12.53 -13.94 4.94
CA MET A 405 -12.58 -15.41 4.92
C MET A 405 -11.27 -16.03 4.47
N VAL A 406 -11.05 -17.29 4.85
CA VAL A 406 -9.79 -17.97 4.53
C VAL A 406 -10.08 -19.28 3.83
N VAL A 407 -9.18 -19.66 2.89
CA VAL A 407 -9.38 -20.89 2.11
C VAL A 407 -9.29 -22.13 3.02
N THR A 408 -8.67 -22.04 4.19
CA THR A 408 -8.46 -23.24 4.99
C THR A 408 -9.77 -23.60 5.76
N ASN A 409 -10.71 -22.66 5.80
CA ASN A 409 -11.95 -22.91 6.59
C ASN A 409 -13.02 -23.53 5.69
N PRO A 410 -13.54 -24.73 6.02
CA PRO A 410 -14.42 -25.40 5.06
C PRO A 410 -15.75 -24.62 4.94
N LYS A 411 -16.19 -23.97 6.01
CA LYS A 411 -17.44 -23.18 5.95
C LYS A 411 -17.29 -21.95 5.05
N HIS A 412 -16.09 -21.39 5.05
CA HIS A 412 -15.79 -20.23 4.18
C HIS A 412 -15.78 -20.69 2.72
N ARG A 413 -15.16 -21.86 2.42
CA ARG A 413 -15.14 -22.32 1.09
C ARG A 413 -16.56 -22.64 0.64
N GLU A 414 -17.37 -23.20 1.57
CA GLU A 414 -18.79 -23.49 1.22
C GLU A 414 -19.56 -22.20 0.87
N GLU A 415 -19.33 -21.18 1.64
CA GLU A 415 -20.03 -19.92 1.40
C GLU A 415 -19.62 -19.30 0.04
N ALA A 416 -18.31 -19.39 -0.30
CA ALA A 416 -17.89 -18.90 -1.65
C ALA A 416 -18.48 -19.73 -2.77
N GLU A 417 -18.49 -21.05 -2.58
CA GLU A 417 -19.01 -21.94 -3.58
C GLU A 417 -20.53 -21.74 -3.74
N ARG A 418 -21.21 -21.38 -2.66
CA ARG A 418 -22.66 -21.05 -2.74
C ARG A 418 -22.87 -19.76 -3.59
N ILE A 419 -22.19 -18.69 -3.21
CA ILE A 419 -22.30 -17.42 -3.95
C ILE A 419 -21.83 -17.56 -5.36
N TRP A 420 -20.75 -18.29 -5.56
CA TRP A 420 -20.25 -18.48 -6.91
C TRP A 420 -20.84 -19.64 -7.72
N LYS A 421 -21.82 -20.34 -7.14
CA LYS A 421 -22.62 -21.37 -7.83
C LYS A 421 -21.62 -22.47 -8.32
N LEU A 422 -20.66 -22.81 -7.47
CA LEU A 422 -19.66 -23.88 -7.77
C LEU A 422 -20.00 -25.21 -7.11
N PRO A 423 -19.56 -26.32 -7.71
CA PRO A 423 -19.60 -27.65 -7.12
C PRO A 423 -18.85 -27.60 -5.75
N PRO A 424 -19.38 -28.27 -4.74
CA PRO A 424 -18.59 -28.46 -3.49
C PRO A 424 -17.18 -28.98 -3.87
N GLY A 425 -16.16 -28.42 -3.22
CA GLY A 425 -14.81 -28.89 -3.38
C GLY A 425 -14.11 -28.19 -4.51
N THR A 426 -14.74 -27.14 -5.10
CA THR A 426 -14.04 -26.40 -6.23
C THR A 426 -12.87 -25.56 -5.72
N ILE A 427 -13.11 -24.79 -4.66
CA ILE A 427 -12.05 -23.89 -4.18
C ILE A 427 -10.92 -24.74 -3.54
N PRO A 428 -9.67 -24.50 -3.99
CA PRO A 428 -8.54 -25.17 -3.32
C PRO A 428 -8.47 -24.77 -1.84
N ASP A 429 -8.16 -25.76 -1.00
CA ASP A 429 -8.15 -25.55 0.44
C ASP A 429 -6.79 -25.22 1.07
N LYS A 430 -5.73 -25.27 0.31
CA LYS A 430 -4.40 -24.99 0.84
C LYS A 430 -3.97 -23.63 0.29
N PRO A 431 -3.49 -22.76 1.18
CA PRO A 431 -2.97 -21.48 0.71
C PRO A 431 -1.94 -21.67 -0.37
N GLY A 432 -1.96 -20.77 -1.35
CA GLY A 432 -1.05 -20.88 -2.47
C GLY A 432 0.22 -20.07 -2.21
N TYR A 433 0.90 -19.68 -3.28
CA TYR A 433 2.18 -18.97 -3.15
C TYR A 433 1.96 -17.48 -2.94
N ASP A 434 2.38 -17.00 -1.78
CA ASP A 434 2.35 -15.56 -1.46
C ASP A 434 3.45 -14.83 -2.24
N ALA A 435 3.48 -13.48 -2.18
CA ALA A 435 4.43 -12.67 -3.03
C ALA A 435 5.87 -13.16 -3.02
N VAL A 436 6.44 -13.26 -1.85
CA VAL A 436 7.88 -13.63 -1.73
C VAL A 436 8.10 -15.05 -2.28
N LEU A 437 7.17 -15.91 -1.93
CA LEU A 437 7.30 -17.30 -2.37
C LEU A 437 7.13 -17.35 -3.87
N GLN A 438 6.23 -16.51 -4.45
CA GLN A 438 6.09 -16.52 -5.95
C GLN A 438 7.42 -16.26 -6.61
N ASN A 439 8.21 -15.30 -6.13
CA ASN A 439 9.52 -15.09 -6.81
C ASN A 439 10.46 -16.30 -6.65
N ARG A 440 10.39 -16.98 -5.50
CA ARG A 440 11.29 -18.12 -5.19
C ARG A 440 10.82 -19.26 -6.09
N MET A 441 9.55 -19.40 -6.28
CA MET A 441 9.06 -20.51 -7.13
C MET A 441 9.25 -20.23 -8.61
N LEU A 442 9.20 -18.97 -9.00
CA LEU A 442 9.62 -18.64 -10.35
C LEU A 442 11.09 -18.99 -10.60
N LYS A 443 11.99 -18.57 -9.69
CA LYS A 443 13.40 -18.92 -9.83
C LYS A 443 13.57 -20.43 -9.90
N ASP A 444 12.83 -21.17 -9.08
CA ASP A 444 12.96 -22.62 -9.03
C ASP A 444 12.23 -23.33 -10.13
N GLY A 445 11.60 -22.58 -11.04
CA GLY A 445 10.89 -23.14 -12.26
C GLY A 445 9.67 -23.97 -11.85
N LYS A 446 9.02 -23.66 -10.70
CA LYS A 446 7.82 -24.35 -10.25
C LYS A 446 6.56 -23.51 -10.47
N LEU A 447 6.72 -22.29 -10.99
CA LEU A 447 5.57 -21.40 -11.22
C LEU A 447 5.81 -20.94 -12.64
N ASN A 448 5.08 -21.49 -13.58
CA ASN A 448 5.54 -21.40 -14.98
C ASN A 448 4.68 -20.58 -15.95
N ALA A 449 3.50 -20.22 -15.51
CA ALA A 449 2.68 -19.30 -16.28
C ALA A 449 2.18 -18.23 -15.32
N TYR A 450 2.50 -16.96 -15.62
CA TYR A 450 2.38 -15.98 -14.54
C TYR A 450 1.93 -14.68 -15.14
N TRP A 451 0.96 -14.03 -14.51
CA TRP A 451 0.38 -12.77 -15.06
C TRP A 451 0.42 -11.73 -13.98
N VAL A 452 1.06 -10.59 -14.29
CA VAL A 452 1.28 -9.48 -13.29
C VAL A 452 0.37 -8.35 -13.74
N GLN A 453 -0.42 -7.73 -12.86
CA GLN A 453 -1.25 -6.59 -13.26
C GLN A 453 -1.16 -5.48 -12.20
N VAL A 454 -1.00 -4.26 -12.75
CA VAL A 454 -1.05 -2.99 -11.97
C VAL A 454 0.04 -2.99 -10.85
N ASN A 455 1.20 -3.51 -11.17
CA ASN A 455 2.31 -3.35 -10.23
C ASN A 455 3.60 -3.43 -11.01
N ASN A 456 4.67 -3.08 -10.32
CA ASN A 456 6.04 -3.11 -10.90
C ASN A 456 6.93 -3.96 -9.95
N ASN A 457 6.50 -5.18 -9.74
CA ASN A 457 7.15 -6.02 -8.70
C ASN A 457 8.60 -6.38 -8.98
N MET A 458 9.07 -6.26 -10.24
CA MET A 458 10.52 -6.52 -10.40
C MET A 458 11.28 -5.41 -9.72
N GLN A 459 10.79 -4.16 -9.83
CA GLN A 459 11.42 -3.05 -9.07
C GLN A 459 11.06 -3.12 -7.56
N ALA A 460 9.84 -3.53 -7.24
CA ALA A 460 9.27 -3.38 -5.87
C ALA A 460 9.60 -4.55 -4.91
N ALA A 461 9.90 -5.76 -5.43
CA ALA A 461 10.12 -6.92 -4.51
C ALA A 461 11.57 -6.95 -4.04
N ALA A 462 11.79 -7.36 -2.80
CA ALA A 462 13.19 -7.33 -2.31
C ALA A 462 14.02 -8.47 -2.96
N ASN A 463 15.33 -8.25 -3.00
CA ASN A 463 16.30 -9.28 -3.43
C ASN A 463 16.20 -9.64 -4.88
N LEU A 464 16.05 -8.59 -5.70
CA LEU A 464 15.82 -8.70 -7.12
C LEU A 464 16.81 -9.67 -7.80
N MET A 465 18.09 -9.55 -7.43
CA MET A 465 19.11 -10.33 -8.21
C MET A 465 19.06 -11.80 -7.89
N GLU A 466 18.64 -12.23 -6.67
CA GLU A 466 18.70 -13.62 -6.35
C GLU A 466 17.39 -14.30 -6.64
N GLU A 467 16.26 -13.56 -6.74
CA GLU A 467 14.98 -14.26 -6.88
C GLU A 467 14.17 -13.71 -8.06
N GLY A 468 13.73 -12.45 -7.97
CA GLY A 468 12.79 -12.01 -9.02
C GLY A 468 13.38 -12.01 -10.42
N LEU A 469 14.58 -11.45 -10.64
CA LEU A 469 15.07 -11.33 -12.06
C LEU A 469 15.31 -12.77 -12.64
N PRO A 470 16.05 -13.64 -11.90
CA PRO A 470 16.21 -14.98 -12.56
C PRO A 470 14.90 -15.76 -12.64
N GLY A 471 13.97 -15.45 -11.75
CA GLY A 471 12.60 -16.12 -11.84
C GLY A 471 11.90 -15.67 -13.08
N TYR A 472 11.93 -14.39 -13.42
CA TYR A 472 11.16 -13.92 -14.61
C TYR A 472 11.86 -14.41 -15.86
N ARG A 473 13.22 -14.42 -15.85
CA ARG A 473 13.95 -14.78 -17.07
C ARG A 473 14.17 -16.31 -17.20
N ASN A 474 13.73 -17.07 -16.21
CA ASN A 474 13.87 -18.51 -16.31
C ASN A 474 13.11 -19.08 -17.59
N PRO A 475 13.80 -19.79 -18.49
CA PRO A 475 13.15 -20.27 -19.75
C PRO A 475 12.00 -21.25 -19.52
N ALA A 476 11.91 -21.78 -18.33
CA ALA A 476 10.76 -22.68 -17.99
C ALA A 476 9.46 -21.93 -17.77
N ASN A 477 9.53 -20.60 -17.64
CA ASN A 477 8.40 -19.77 -17.30
C ASN A 477 8.01 -18.84 -18.43
N PHE A 478 6.71 -18.49 -18.42
CA PHE A 478 6.12 -17.54 -19.35
C PHE A 478 5.48 -16.42 -18.56
N ILE A 479 5.96 -15.18 -18.74
CA ILE A 479 5.57 -14.07 -17.88
C ILE A 479 4.74 -13.04 -18.70
N VAL A 480 3.55 -12.73 -18.21
CA VAL A 480 2.73 -11.70 -18.88
C VAL A 480 2.64 -10.52 -17.92
N VAL A 481 2.83 -9.28 -18.44
CA VAL A 481 2.72 -8.09 -17.56
C VAL A 481 1.73 -7.17 -18.25
N SER A 482 0.70 -6.76 -17.51
CA SER A 482 -0.22 -5.69 -17.97
C SER A 482 0.27 -4.39 -17.38
N ASP A 483 0.50 -3.35 -18.19
CA ASP A 483 0.89 -2.02 -17.65
C ASP A 483 0.38 -0.91 -18.59
N ALA A 484 0.46 0.33 -18.06
CA ALA A 484 0.22 1.48 -18.87
C ALA A 484 1.51 2.03 -19.46
N TYR A 485 2.66 1.70 -18.91
CA TYR A 485 3.93 2.24 -19.36
C TYR A 485 4.98 1.14 -19.36
N PRO A 486 6.03 1.35 -20.17
CA PRO A 486 7.20 0.49 -19.98
C PRO A 486 7.73 0.60 -18.51
N THR A 487 8.09 -0.54 -17.97
CA THR A 487 8.68 -0.66 -16.61
C THR A 487 9.71 -1.78 -16.63
N VAL A 488 10.51 -1.87 -15.57
CA VAL A 488 11.52 -2.94 -15.52
C VAL A 488 10.81 -4.26 -15.37
N THR A 489 9.61 -4.29 -14.75
CA THR A 489 8.82 -5.51 -14.73
C THR A 489 8.41 -5.95 -16.16
N ALA A 490 7.98 -5.01 -16.99
CA ALA A 490 7.57 -5.33 -18.39
C ALA A 490 8.85 -5.72 -19.14
N LEU A 491 9.99 -5.05 -18.88
CA LEU A 491 11.23 -5.42 -19.61
C LEU A 491 11.66 -6.87 -19.30
N ALA A 492 11.29 -7.37 -18.12
CA ALA A 492 11.67 -8.75 -17.74
C ALA A 492 10.59 -9.76 -18.11
N ALA A 493 9.49 -9.30 -18.72
CA ALA A 493 8.41 -10.20 -19.08
C ALA A 493 8.62 -10.79 -20.54
N ASP A 494 7.65 -11.60 -20.94
CA ASP A 494 7.64 -12.22 -22.29
C ASP A 494 6.49 -11.69 -23.15
N LEU A 495 5.46 -11.12 -22.50
CA LEU A 495 4.34 -10.55 -23.21
C LEU A 495 3.86 -9.37 -22.38
N VAL A 496 3.65 -8.23 -23.03
CA VAL A 496 3.29 -6.99 -22.31
C VAL A 496 1.93 -6.55 -22.91
N LEU A 497 0.95 -6.29 -22.02
CA LEU A 497 -0.37 -5.94 -22.46
C LEU A 497 -0.69 -4.49 -22.09
N PRO A 498 -1.22 -3.73 -23.05
CA PRO A 498 -1.33 -2.29 -22.84
C PRO A 498 -2.65 -2.10 -22.10
N SER A 499 -2.62 -1.35 -20.97
CA SER A 499 -3.79 -1.33 -20.12
C SER A 499 -4.33 0.06 -19.95
N ALA A 500 -5.65 0.12 -19.83
CA ALA A 500 -6.34 1.34 -19.52
C ALA A 500 -6.24 1.64 -18.01
N MET A 501 -5.96 2.91 -17.70
CA MET A 501 -5.64 3.30 -16.30
C MET A 501 -6.58 4.39 -15.76
N TRP A 502 -6.68 4.42 -14.44
CA TRP A 502 -7.45 5.44 -13.73
C TRP A 502 -8.72 5.84 -14.47
N VAL A 503 -8.96 7.08 -14.81
CA VAL A 503 -10.31 7.45 -15.33
C VAL A 503 -10.53 7.07 -16.81
N GLU A 504 -9.65 6.26 -17.37
CA GLU A 504 -9.98 5.56 -18.62
C GLU A 504 -10.87 4.36 -18.40
N LYS A 505 -11.29 4.13 -17.16
CA LYS A 505 -12.17 2.99 -16.93
C LYS A 505 -13.01 3.30 -15.67
N GLU A 506 -14.18 2.72 -15.59
CA GLU A 506 -15.04 2.89 -14.41
C GLU A 506 -14.39 2.15 -13.24
N GLY A 507 -14.32 2.74 -12.02
CA GLY A 507 -13.44 2.14 -10.96
C GLY A 507 -14.09 2.35 -9.59
N ALA A 508 -13.56 1.59 -8.64
CA ALA A 508 -13.92 1.79 -7.22
C ALA A 508 -12.62 1.57 -6.45
N TYR A 509 -12.35 2.42 -5.45
CA TYR A 509 -11.13 2.23 -4.57
C TYR A 509 -11.56 2.42 -3.14
N GLY A 510 -11.00 1.64 -2.23
CA GLY A 510 -11.44 1.75 -0.79
C GLY A 510 -10.27 2.17 0.03
N ASN A 511 -10.39 3.30 0.74
CA ASN A 511 -9.26 3.96 1.42
C ASN A 511 -9.08 3.45 2.84
N ALA A 512 -8.18 4.15 3.54
CA ALA A 512 -7.77 3.69 4.90
C ALA A 512 -8.85 3.79 5.99
N GLU A 513 -9.91 4.59 5.79
CA GLU A 513 -10.99 4.66 6.73
C GLU A 513 -12.25 3.93 6.23
N ARG A 514 -12.05 2.86 5.47
CA ARG A 514 -13.19 2.06 4.99
C ARG A 514 -14.15 2.78 3.99
N ARG A 515 -13.65 3.82 3.36
CA ARG A 515 -14.50 4.61 2.44
C ARG A 515 -14.31 4.11 1.04
N THR A 516 -15.35 3.54 0.47
CA THR A 516 -15.29 2.99 -0.88
C THR A 516 -15.73 4.14 -1.77
N GLN A 517 -14.91 4.45 -2.81
CA GLN A 517 -15.22 5.61 -3.68
C GLN A 517 -15.20 5.16 -5.08
N PHE A 518 -16.30 5.47 -5.78
CA PHE A 518 -16.45 5.14 -7.23
C PHE A 518 -16.02 6.26 -8.15
N TRP A 519 -15.73 5.90 -9.42
CA TRP A 519 -15.66 6.90 -10.50
C TRP A 519 -16.17 6.25 -11.77
N HIS A 520 -16.78 7.10 -12.59
CA HIS A 520 -17.06 6.67 -13.95
C HIS A 520 -15.83 6.75 -14.86
N GLN A 521 -15.95 6.00 -15.98
CA GLN A 521 -15.01 6.16 -17.08
C GLN A 521 -15.24 7.56 -17.67
N LEU A 522 -14.19 8.38 -17.68
CA LEU A 522 -14.38 9.79 -18.08
C LEU A 522 -13.72 10.04 -19.46
N VAL A 523 -12.75 9.20 -19.86
CA VAL A 523 -12.05 9.33 -21.15
C VAL A 523 -11.80 7.93 -21.71
N ASP A 524 -11.30 7.87 -22.93
CA ASP A 524 -11.02 6.56 -23.62
C ASP A 524 -9.51 6.44 -23.66
N ALA A 525 -9.01 5.25 -23.40
CA ALA A 525 -7.60 4.97 -23.36
C ALA A 525 -6.99 5.08 -24.76
N PRO A 526 -5.72 5.28 -24.86
CA PRO A 526 -5.10 5.48 -26.16
C PRO A 526 -4.87 4.14 -26.85
N GLY A 527 -4.87 4.18 -28.19
CA GLY A 527 -4.49 2.98 -28.94
C GLY A 527 -5.44 1.84 -28.67
N GLU A 528 -4.83 0.67 -28.45
CA GLU A 528 -5.62 -0.51 -28.20
C GLU A 528 -5.43 -0.89 -26.70
N ALA A 529 -5.09 0.10 -25.88
CA ALA A 529 -5.07 -0.15 -24.41
C ALA A 529 -6.48 -0.52 -23.88
N ARG A 530 -6.53 -1.53 -23.00
CA ARG A 530 -7.81 -2.02 -22.49
C ARG A 530 -7.68 -2.24 -21.03
N SER A 531 -8.76 -2.08 -20.29
CA SER A 531 -8.65 -2.27 -18.83
C SER A 531 -8.20 -3.67 -18.42
N ASP A 532 -7.60 -3.70 -17.23
CA ASP A 532 -7.31 -5.00 -16.62
C ASP A 532 -8.56 -5.84 -16.47
N LEU A 533 -9.70 -5.20 -16.20
CA LEU A 533 -10.95 -5.91 -16.05
C LEU A 533 -11.34 -6.63 -17.36
N TRP A 534 -11.29 -5.87 -18.48
CA TRP A 534 -11.51 -6.47 -19.80
C TRP A 534 -10.56 -7.64 -20.05
N GLN A 535 -9.31 -7.50 -19.71
CA GLN A 535 -8.33 -8.56 -20.03
C GLN A 535 -8.66 -9.83 -19.25
N LEU A 536 -9.06 -9.72 -17.98
CA LEU A 536 -9.35 -10.92 -17.16
C LEU A 536 -10.56 -11.64 -17.72
N VAL A 537 -11.60 -10.89 -18.03
CA VAL A 537 -12.89 -11.51 -18.36
C VAL A 537 -12.73 -12.03 -19.81
N GLU A 538 -12.08 -11.27 -20.68
CA GLU A 538 -11.85 -11.78 -22.05
C GLU A 538 -11.06 -13.13 -22.04
N PHE A 539 -10.03 -13.20 -21.20
CA PHE A 539 -9.16 -14.41 -21.19
C PHE A 539 -9.96 -15.63 -20.70
N ALA A 540 -10.95 -15.41 -19.79
CA ALA A 540 -11.68 -16.49 -19.19
C ALA A 540 -12.47 -17.22 -20.33
N LYS A 541 -12.74 -16.57 -21.49
CA LYS A 541 -13.44 -17.27 -22.61
C LYS A 541 -12.62 -18.42 -23.20
N ARG A 542 -11.29 -18.37 -23.03
CA ARG A 542 -10.39 -19.35 -23.60
C ARG A 542 -10.31 -20.71 -22.87
N PHE A 543 -11.09 -20.92 -21.79
CA PHE A 543 -10.96 -22.14 -21.00
C PHE A 543 -12.29 -22.80 -20.79
N LYS A 544 -12.42 -24.06 -21.21
CA LYS A 544 -13.64 -24.79 -20.90
C LYS A 544 -13.52 -25.44 -19.53
N VAL A 545 -14.64 -25.64 -18.83
CA VAL A 545 -14.53 -26.34 -17.52
C VAL A 545 -13.82 -27.67 -17.64
N GLU A 546 -14.03 -28.45 -18.73
CA GLU A 546 -13.32 -29.72 -18.89
C GLU A 546 -11.79 -29.60 -18.90
N GLU A 547 -11.26 -28.40 -19.30
CA GLU A 547 -9.81 -28.20 -19.27
C GLU A 547 -9.30 -27.79 -17.91
N VAL A 548 -10.14 -27.30 -17.01
CA VAL A 548 -9.63 -26.69 -15.77
C VAL A 548 -10.19 -27.26 -14.45
N TRP A 549 -11.25 -28.09 -14.56
CA TRP A 549 -11.91 -28.68 -13.37
C TRP A 549 -11.80 -30.20 -13.50
N PRO A 550 -11.51 -30.87 -12.37
CA PRO A 550 -11.56 -32.35 -12.33
C PRO A 550 -12.99 -32.83 -12.65
N PRO A 551 -13.09 -33.97 -13.35
CA PRO A 551 -14.40 -34.52 -13.73
C PRO A 551 -15.41 -34.63 -12.64
N GLU A 552 -14.96 -34.93 -11.39
CA GLU A 552 -15.91 -35.15 -10.32
C GLU A 552 -16.61 -33.83 -9.97
N LEU A 553 -15.98 -32.68 -10.26
CA LEU A 553 -16.73 -31.43 -9.97
C LEU A 553 -17.81 -31.17 -11.03
N ILE A 554 -17.48 -31.41 -12.31
CA ILE A 554 -18.47 -31.22 -13.38
C ILE A 554 -19.61 -32.19 -13.13
N ALA A 555 -19.31 -33.42 -12.67
CA ALA A 555 -20.42 -34.39 -12.40
C ALA A 555 -21.38 -33.84 -11.32
N LYS A 556 -20.92 -33.00 -10.38
CA LYS A 556 -21.83 -32.46 -9.36
C LYS A 556 -22.62 -31.26 -9.89
N LYS A 557 -22.17 -30.59 -10.95
CA LYS A 557 -22.92 -29.46 -11.55
C LYS A 557 -22.94 -29.67 -13.05
N PRO A 558 -23.69 -30.68 -13.54
CA PRO A 558 -23.56 -31.10 -14.89
C PRO A 558 -24.09 -30.07 -15.89
N GLU A 559 -24.80 -29.08 -15.38
CA GLU A 559 -25.24 -27.97 -16.23
C GLU A 559 -24.06 -27.20 -16.80
N TYR A 560 -22.89 -27.42 -16.22
CA TYR A 560 -21.72 -26.72 -16.72
C TYR A 560 -20.93 -27.46 -17.76
N LYS A 561 -21.38 -28.66 -18.19
CA LYS A 561 -20.63 -29.32 -19.19
C LYS A 561 -20.44 -28.45 -20.43
N GLY A 562 -19.21 -28.45 -20.91
CA GLY A 562 -18.82 -27.73 -22.08
C GLY A 562 -18.86 -26.18 -21.99
N LYS A 563 -19.13 -25.66 -20.83
CA LYS A 563 -19.24 -24.19 -20.65
C LYS A 563 -17.84 -23.61 -20.44
N THR A 564 -17.64 -22.32 -20.72
CA THR A 564 -16.30 -21.73 -20.50
C THR A 564 -16.24 -21.08 -19.11
N LEU A 565 -15.04 -20.71 -18.68
CA LEU A 565 -14.96 -19.98 -17.42
C LEU A 565 -15.63 -18.63 -17.52
N TYR A 566 -15.59 -18.00 -18.68
CA TYR A 566 -16.38 -16.78 -18.87
C TYR A 566 -17.85 -17.06 -18.50
N ASP A 567 -18.44 -18.16 -18.99
CA ASP A 567 -19.84 -18.44 -18.66
C ASP A 567 -20.03 -18.69 -17.18
N VAL A 568 -19.16 -19.55 -16.63
CA VAL A 568 -19.32 -19.96 -15.21
C VAL A 568 -19.10 -18.82 -14.22
N LEU A 569 -18.08 -18.01 -14.49
CA LEU A 569 -17.71 -16.94 -13.52
C LEU A 569 -18.37 -15.60 -13.76
N TYR A 570 -18.69 -15.29 -15.02
CA TYR A 570 -19.17 -13.94 -15.36
C TYR A 570 -20.54 -13.89 -16.03
N ARG A 571 -20.96 -14.94 -16.72
CA ARG A 571 -22.31 -15.02 -17.26
C ARG A 571 -23.19 -16.01 -16.52
N ASN A 572 -23.34 -15.81 -15.22
CA ASN A 572 -23.86 -16.81 -14.33
C ASN A 572 -25.18 -16.46 -13.75
N GLY A 573 -25.86 -15.47 -14.36
CA GLY A 573 -27.17 -15.03 -13.87
C GLY A 573 -27.07 -13.99 -12.78
N GLN A 574 -25.83 -13.75 -12.27
CA GLN A 574 -25.66 -12.82 -11.18
C GLN A 574 -24.77 -11.66 -11.67
N VAL A 575 -23.55 -12.03 -12.07
CA VAL A 575 -22.59 -11.05 -12.53
C VAL A 575 -23.14 -10.39 -13.84
N ASP A 576 -24.04 -11.08 -14.59
CA ASP A 576 -24.57 -10.46 -15.83
C ASP A 576 -26.03 -10.09 -15.68
N LYS A 577 -26.53 -9.90 -14.46
CA LYS A 577 -27.97 -9.72 -14.34
C LYS A 577 -28.39 -8.26 -14.59
N PHE A 578 -27.45 -7.32 -14.67
CA PHE A 578 -27.81 -5.92 -14.96
C PHE A 578 -27.53 -5.55 -16.40
N PRO A 579 -28.59 -5.20 -17.12
CA PRO A 579 -28.37 -5.05 -18.56
C PRO A 579 -27.74 -3.70 -19.01
N LEU A 580 -27.37 -3.62 -20.27
CA LEU A 580 -26.85 -2.35 -20.83
C LEU A 580 -27.69 -1.11 -20.52
N LYS A 581 -29.01 -1.26 -20.35
CA LYS A 581 -29.83 -0.09 -20.07
C LYS A 581 -29.60 0.50 -18.68
N ASP A 582 -28.99 -0.26 -17.76
CA ASP A 582 -28.58 0.28 -16.45
C ASP A 582 -27.33 1.20 -16.47
N VAL A 583 -26.59 1.18 -17.57
CA VAL A 583 -25.37 1.96 -17.72
C VAL A 583 -25.78 3.40 -17.88
N ASN A 584 -25.16 4.30 -17.12
CA ASN A 584 -25.49 5.71 -17.21
C ASN A 584 -25.02 6.18 -18.59
N ALA A 585 -25.95 6.59 -19.45
CA ALA A 585 -25.56 6.92 -20.84
C ALA A 585 -24.67 8.18 -20.96
N GLU A 586 -24.53 8.95 -19.91
CA GLU A 586 -23.65 10.10 -19.98
C GLU A 586 -22.17 9.77 -19.93
N TYR A 587 -21.79 8.52 -19.64
CA TYR A 587 -20.39 8.13 -19.60
C TYR A 587 -20.17 6.87 -20.44
N HIS A 588 -19.03 6.79 -21.13
CA HIS A 588 -18.65 5.52 -21.73
C HIS A 588 -18.54 4.45 -20.67
N ASN A 589 -18.57 3.25 -21.15
CA ASN A 589 -18.23 2.03 -20.33
C ASN A 589 -17.76 0.97 -21.33
N ALA A 590 -16.45 0.90 -21.51
CA ALA A 590 -15.91 0.10 -22.60
C ALA A 590 -16.18 -1.34 -22.34
N GLU A 591 -16.10 -1.75 -21.06
CA GLU A 591 -16.26 -3.21 -20.81
C GLU A 591 -17.67 -3.60 -20.95
N ALA A 592 -18.60 -2.75 -20.48
CA ALA A 592 -20.04 -3.05 -20.68
C ALA A 592 -20.33 -3.25 -22.17
N LYS A 593 -19.77 -2.38 -23.01
CA LYS A 593 -20.03 -2.44 -24.45
C LYS A 593 -19.38 -3.72 -25.02
N ALA A 594 -18.22 -4.07 -24.48
CA ALA A 594 -17.49 -5.24 -24.98
C ALA A 594 -18.23 -6.55 -24.68
N PHE A 595 -18.82 -6.70 -23.49
CA PHE A 595 -19.38 -8.03 -23.12
C PHE A 595 -20.90 -8.06 -23.24
N GLY A 596 -21.52 -6.87 -23.27
CA GLY A 596 -22.97 -6.81 -23.50
C GLY A 596 -23.87 -6.69 -22.28
N PHE A 597 -23.35 -6.26 -21.13
CA PHE A 597 -24.17 -6.09 -19.88
C PHE A 597 -23.34 -5.25 -18.95
N TYR A 598 -23.92 -4.77 -17.85
CA TYR A 598 -23.19 -3.86 -16.93
C TYR A 598 -22.30 -4.66 -15.96
N LEU A 599 -21.10 -4.96 -16.47
CA LEU A 599 -20.22 -5.93 -15.80
C LEU A 599 -19.80 -5.44 -14.41
N GLN A 600 -19.48 -4.14 -14.28
CA GLN A 600 -18.93 -3.69 -12.98
C GLN A 600 -19.96 -3.80 -11.91
N LYS A 601 -21.24 -3.50 -12.30
CA LYS A 601 -22.30 -3.51 -11.33
C LYS A 601 -22.58 -4.93 -10.92
N GLY A 602 -22.57 -5.85 -11.89
CA GLY A 602 -22.86 -7.27 -11.56
C GLY A 602 -21.77 -7.84 -10.65
N LEU A 603 -20.51 -7.52 -10.97
CA LEU A 603 -19.41 -7.96 -10.10
C LEU A 603 -19.51 -7.42 -8.72
N PHE A 604 -19.83 -6.13 -8.65
CA PHE A 604 -19.84 -5.53 -7.34
C PHE A 604 -20.96 -6.10 -6.48
N GLU A 605 -22.17 -6.25 -7.10
CA GLU A 605 -23.26 -6.74 -6.31
C GLU A 605 -23.08 -8.22 -5.87
N GLU A 606 -22.49 -9.03 -6.72
CA GLU A 606 -22.24 -10.43 -6.33
C GLU A 606 -21.21 -10.43 -5.20
N TYR A 607 -20.13 -9.67 -5.38
CA TYR A 607 -19.08 -9.58 -4.36
C TYR A 607 -19.69 -9.06 -3.07
N ALA A 608 -20.62 -8.09 -3.19
CA ALA A 608 -21.16 -7.48 -1.97
C ALA A 608 -21.97 -8.47 -1.13
N THR A 609 -22.44 -9.54 -1.78
CA THR A 609 -23.14 -10.62 -1.02
C THR A 609 -22.30 -11.24 0.10
N PHE A 610 -20.97 -11.26 -0.06
CA PHE A 610 -20.10 -11.80 0.96
C PHE A 610 -20.20 -10.96 2.23
N GLY A 611 -20.18 -9.63 2.14
CA GLY A 611 -20.08 -8.87 3.37
C GLY A 611 -21.41 -8.44 4.01
N ARG A 612 -22.51 -8.42 3.24
CA ARG A 612 -23.80 -7.89 3.73
C ARG A 612 -24.35 -8.80 4.79
N GLY A 613 -24.64 -8.23 5.96
CA GLY A 613 -25.15 -9.01 7.11
C GLY A 613 -24.04 -9.72 7.87
N HIS A 614 -22.79 -9.52 7.44
CA HIS A 614 -21.66 -10.21 8.07
C HIS A 614 -20.60 -9.19 8.57
N GLY A 615 -20.98 -7.94 8.72
CA GLY A 615 -20.08 -6.97 9.27
C GLY A 615 -19.29 -6.11 8.26
N HIS A 616 -19.39 -6.40 6.95
CA HIS A 616 -18.57 -5.72 5.97
C HIS A 616 -19.49 -5.06 4.92
N ASP A 617 -20.69 -4.61 5.32
CA ASP A 617 -21.71 -4.27 4.35
C ASP A 617 -21.36 -3.11 3.42
N LEU A 618 -21.42 -3.41 2.13
CA LEU A 618 -21.29 -2.34 1.15
C LEU A 618 -22.67 -1.91 0.77
N ALA A 619 -22.82 -0.59 0.57
CA ALA A 619 -24.13 -0.06 0.15
C ALA A 619 -24.45 -0.57 -1.27
N PRO A 620 -25.69 -0.39 -1.75
CA PRO A 620 -25.97 -0.67 -3.17
C PRO A 620 -25.03 0.08 -4.07
N PHE A 621 -24.65 -0.63 -5.12
CA PHE A 621 -23.73 -0.10 -6.14
C PHE A 621 -24.04 1.37 -6.49
N ASP A 622 -25.29 1.66 -6.87
CA ASP A 622 -25.60 2.98 -7.36
C ASP A 622 -25.37 4.07 -6.30
N ALA A 623 -25.46 3.70 -5.02
CA ALA A 623 -25.29 4.73 -3.99
C ALA A 623 -23.89 5.35 -4.04
N TYR A 624 -22.90 4.55 -4.48
CA TYR A 624 -21.50 5.05 -4.52
C TYR A 624 -21.30 5.98 -5.70
N HIS A 625 -22.07 5.83 -6.78
CA HIS A 625 -21.93 6.83 -7.90
C HIS A 625 -22.55 8.16 -7.54
N GLU A 626 -23.41 8.13 -6.51
CA GLU A 626 -24.03 9.35 -5.99
C GLU A 626 -23.30 10.01 -4.85
N ALA A 627 -22.43 9.31 -4.13
CA ALA A 627 -21.76 9.93 -3.00
C ALA A 627 -20.27 10.15 -3.25
N ARG A 628 -19.67 10.89 -2.36
CA ARG A 628 -18.21 10.99 -2.30
C ARG A 628 -17.69 9.99 -1.31
N GLY A 629 -17.96 8.74 -1.63
CA GLY A 629 -17.65 7.62 -0.76
C GLY A 629 -18.62 7.40 0.40
N LEU A 630 -18.63 6.16 0.91
CA LEU A 630 -19.42 5.83 2.13
C LEU A 630 -18.56 4.80 2.86
N ARG A 631 -18.50 4.91 4.19
CA ARG A 631 -17.68 4.05 5.05
C ARG A 631 -18.49 2.82 5.54
N TRP A 632 -18.01 1.60 5.21
CA TRP A 632 -18.63 0.36 5.62
C TRP A 632 -18.45 0.10 7.15
N PRO A 633 -19.20 -0.89 7.66
CA PRO A 633 -20.57 -1.22 7.17
C PRO A 633 -21.63 -0.16 6.95
N VAL A 634 -22.18 -0.22 5.75
CA VAL A 634 -23.28 0.70 5.40
C VAL A 634 -24.56 -0.09 5.65
N VAL A 635 -25.28 0.26 6.74
CA VAL A 635 -26.47 -0.53 7.13
C VAL A 635 -27.67 0.40 7.08
N ASN A 636 -28.73 -0.03 6.39
CA ASN A 636 -29.94 0.82 6.19
C ASN A 636 -29.59 2.21 5.67
N GLY A 637 -28.65 2.27 4.72
CA GLY A 637 -28.24 3.54 4.14
C GLY A 637 -27.29 4.40 4.96
N LYS A 638 -26.95 3.98 6.18
CA LYS A 638 -26.12 4.82 7.06
C LYS A 638 -24.67 4.21 7.20
N GLU A 639 -23.67 5.01 6.88
CA GLU A 639 -22.25 4.59 6.99
C GLU A 639 -21.87 4.42 8.42
N THR A 640 -20.79 3.71 8.69
CA THR A 640 -20.36 3.50 10.11
C THR A 640 -19.03 4.16 10.27
N ARG A 641 -18.90 5.06 11.25
CA ARG A 641 -17.63 5.75 11.54
C ARG A 641 -16.75 5.00 12.60
N TRP A 642 -17.36 4.60 13.72
CA TRP A 642 -16.67 3.79 14.75
C TRP A 642 -17.25 2.40 14.87
N ARG A 643 -16.38 1.41 14.69
CA ARG A 643 -16.77 -0.01 14.84
C ARG A 643 -16.56 -0.51 16.27
N TYR A 644 -17.40 -1.50 16.60
CA TYR A 644 -17.31 -2.26 17.86
C TYR A 644 -17.76 -1.49 19.07
N ARG A 645 -18.24 -0.28 18.85
CA ARG A 645 -18.65 0.59 19.94
C ARG A 645 -20.20 0.67 19.90
N GLU A 646 -20.84 0.41 21.06
CA GLU A 646 -22.30 0.45 21.08
C GLU A 646 -22.74 1.87 20.78
N GLY A 647 -23.82 2.01 19.99
CA GLY A 647 -24.32 3.32 19.67
C GLY A 647 -23.69 3.92 18.41
N SER A 648 -22.55 3.41 18.00
CA SER A 648 -21.90 3.83 16.75
C SER A 648 -21.95 2.77 15.70
N ASP A 649 -21.92 1.51 16.11
CA ASP A 649 -21.84 0.38 15.18
C ASP A 649 -23.15 -0.45 15.38
N PRO A 650 -24.04 -0.50 14.38
CA PRO A 650 -25.30 -1.24 14.52
C PRO A 650 -25.16 -2.71 14.82
N TYR A 651 -23.96 -3.29 14.63
CA TYR A 651 -23.80 -4.69 14.93
C TYR A 651 -23.58 -4.98 16.42
N VAL A 652 -23.30 -3.94 17.20
CA VAL A 652 -22.95 -4.14 18.60
C VAL A 652 -24.27 -4.32 19.42
N LYS A 653 -24.32 -5.41 20.18
CA LYS A 653 -25.50 -5.74 21.04
C LYS A 653 -25.75 -4.64 22.08
N ALA A 654 -27.02 -4.33 22.35
CA ALA A 654 -27.33 -3.23 23.27
C ALA A 654 -26.92 -3.66 24.70
N GLY A 655 -26.46 -2.69 25.48
CA GLY A 655 -25.99 -2.89 26.86
C GLY A 655 -24.55 -3.36 27.05
N THR A 656 -23.85 -3.64 25.93
CA THR A 656 -22.46 -4.15 26.04
C THR A 656 -21.35 -3.15 26.13
N GLY A 657 -21.58 -1.88 25.76
CA GLY A 657 -20.55 -0.85 25.77
C GLY A 657 -19.68 -0.99 24.47
N PHE A 658 -18.99 -2.11 24.43
CA PHE A 658 -18.09 -2.52 23.30
C PHE A 658 -18.34 -3.95 23.00
N GLN A 659 -18.31 -4.31 21.72
CA GLN A 659 -18.36 -5.77 21.39
C GLN A 659 -17.43 -5.99 20.20
N PHE A 660 -16.35 -6.73 20.44
CA PHE A 660 -15.38 -7.07 19.36
C PHE A 660 -15.86 -8.34 18.72
N TYR A 661 -16.93 -8.20 17.93
CA TYR A 661 -17.75 -9.32 17.53
C TYR A 661 -17.04 -10.14 16.43
N GLY A 662 -15.83 -9.75 16.03
CA GLY A 662 -15.00 -10.67 15.22
C GLY A 662 -14.51 -11.93 15.92
N ASN A 663 -14.51 -11.83 17.25
CA ASN A 663 -14.08 -12.88 18.16
C ASN A 663 -15.31 -13.51 18.85
N PRO A 664 -15.31 -14.84 18.98
CA PRO A 664 -16.53 -15.61 19.40
C PRO A 664 -17.07 -15.10 20.77
N ASP A 665 -16.17 -14.73 21.69
CA ASP A 665 -16.61 -14.20 22.97
C ASP A 665 -16.77 -12.68 22.99
N GLY A 666 -16.65 -12.02 21.82
CA GLY A 666 -16.73 -10.55 21.78
C GLY A 666 -15.60 -9.74 22.42
N LYS A 667 -14.50 -10.42 22.76
CA LYS A 667 -13.39 -9.77 23.42
C LYS A 667 -12.15 -9.63 22.51
N ALA A 668 -11.41 -8.58 22.77
CA ALA A 668 -10.15 -8.34 22.02
C ALA A 668 -9.03 -9.06 22.78
N VAL A 669 -7.94 -9.39 22.09
CA VAL A 669 -6.85 -10.10 22.77
C VAL A 669 -5.64 -9.17 22.99
N ILE A 670 -5.11 -9.18 24.20
CA ILE A 670 -3.87 -8.53 24.57
C ILE A 670 -2.79 -9.64 24.53
N PHE A 671 -1.71 -9.41 23.77
CA PHE A 671 -0.66 -10.42 23.58
C PHE A 671 0.67 -10.05 24.27
N ALA A 672 1.24 -11.07 24.91
CA ALA A 672 2.59 -10.98 25.50
C ALA A 672 3.52 -11.50 24.41
N LEU A 673 4.34 -10.59 23.87
CA LEU A 673 5.26 -10.90 22.76
C LEU A 673 6.57 -10.15 23.03
N PRO A 674 7.74 -10.73 22.68
CA PRO A 674 9.00 -10.15 23.05
C PRO A 674 9.59 -9.23 21.97
N TYR A 675 10.62 -8.46 22.34
CA TYR A 675 11.59 -8.02 21.33
C TYR A 675 12.34 -9.22 20.76
N GLU A 676 12.41 -9.37 19.42
CA GLU A 676 13.40 -10.21 18.75
C GLU A 676 14.07 -9.38 17.66
N PRO A 677 15.35 -9.63 17.38
CA PRO A 677 16.11 -8.79 16.47
C PRO A 677 15.77 -8.97 15.03
N PRO A 678 16.26 -8.05 14.19
CA PRO A 678 16.00 -8.11 12.77
C PRO A 678 16.60 -9.39 12.17
N ALA A 679 16.19 -9.70 10.93
CA ALA A 679 16.90 -10.78 10.21
C ALA A 679 18.39 -10.52 9.96
N GLU A 680 18.73 -9.29 9.61
CA GLU A 680 20.09 -8.97 9.20
C GLU A 680 20.37 -7.60 9.83
N SER A 681 21.36 -7.54 10.70
CA SER A 681 21.80 -6.24 11.34
C SER A 681 23.22 -5.93 10.91
N PRO A 682 23.66 -4.68 11.04
CA PRO A 682 25.02 -4.37 10.64
C PRO A 682 26.09 -5.27 11.29
N ASP A 683 27.17 -5.46 10.52
CA ASP A 683 28.29 -6.18 11.09
C ASP A 683 29.59 -5.58 10.62
N LYS A 684 30.73 -6.25 10.92
CA LYS A 684 31.98 -5.63 10.59
C LYS A 684 32.09 -5.33 9.06
N GLU A 685 31.66 -6.26 8.22
CA GLU A 685 31.78 -6.08 6.76
C GLU A 685 30.79 -5.06 6.22
N TYR A 686 29.63 -5.07 6.81
CA TYR A 686 28.47 -4.22 6.36
C TYR A 686 27.97 -3.41 7.50
N PRO A 687 28.68 -2.30 7.77
CA PRO A 687 28.50 -1.64 9.05
C PRO A 687 27.35 -0.61 9.18
N TYR A 688 26.50 -0.44 8.15
CA TYR A 688 25.42 0.57 8.12
C TYR A 688 24.10 -0.16 8.00
N TRP A 689 23.10 0.39 8.65
CA TRP A 689 21.74 0.03 8.32
C TRP A 689 21.35 0.69 6.99
N LEU A 690 20.65 -0.09 6.13
CA LEU A 690 19.93 0.41 4.97
C LEU A 690 18.44 0.39 5.32
N VAL A 691 17.85 1.58 5.23
CA VAL A 691 16.35 1.76 5.29
C VAL A 691 15.96 2.26 3.91
N THR A 692 14.79 1.83 3.42
CA THR A 692 14.32 2.24 2.14
C THR A 692 12.85 2.69 2.33
N GLY A 693 12.38 3.47 1.37
CA GLY A 693 11.04 4.02 1.47
C GLY A 693 10.90 5.07 0.38
N ARG A 694 10.09 6.08 0.68
CA ARG A 694 9.58 6.98 -0.35
C ARG A 694 9.92 8.46 -0.13
N VAL A 695 9.58 9.24 -1.14
CA VAL A 695 9.54 10.74 -0.94
C VAL A 695 8.19 11.28 -1.39
N LEU A 696 7.84 12.50 -0.91
CA LEU A 696 6.50 13.02 -1.16
C LEU A 696 6.21 13.06 -2.64
N GLU A 697 7.16 13.42 -3.46
CA GLU A 697 6.83 13.80 -4.89
C GLU A 697 6.66 12.61 -5.82
N HIS A 698 7.18 11.44 -5.43
CA HIS A 698 7.05 10.27 -6.29
C HIS A 698 6.24 9.16 -5.66
N TRP A 699 5.47 8.51 -6.55
CA TRP A 699 4.73 7.26 -6.22
C TRP A 699 5.52 6.03 -6.59
N HIS A 700 5.83 5.26 -5.55
CA HIS A 700 6.38 3.86 -5.71
C HIS A 700 7.53 3.77 -6.70
N SER A 701 7.30 3.07 -7.82
CA SER A 701 8.39 2.77 -8.76
C SER A 701 8.72 3.96 -9.71
N GLY A 702 7.96 5.03 -9.52
CA GLY A 702 8.13 6.26 -10.39
C GLY A 702 7.54 6.12 -11.75
N SER A 703 6.95 4.97 -12.14
CA SER A 703 6.52 4.89 -13.55
C SER A 703 5.47 5.91 -13.93
N MET A 704 4.70 6.42 -12.97
CA MET A 704 3.73 7.47 -13.29
C MET A 704 4.32 8.85 -12.93
N THR A 705 4.69 9.02 -11.70
CA THR A 705 5.12 10.39 -11.27
C THR A 705 6.40 10.89 -11.96
N ARG A 706 7.35 9.98 -12.27
CA ARG A 706 8.63 10.42 -12.79
C ARG A 706 8.49 10.62 -14.31
N ARG A 707 7.29 10.35 -14.87
CA ARG A 707 6.97 10.78 -16.30
C ARG A 707 6.20 12.11 -16.26
N VAL A 708 5.95 12.68 -15.07
CA VAL A 708 5.30 14.01 -15.04
C VAL A 708 6.45 15.03 -14.93
N PRO A 709 6.56 16.01 -15.86
CA PRO A 709 7.76 16.90 -15.84
C PRO A 709 7.98 17.55 -14.51
N GLU A 710 6.96 18.09 -13.85
CA GLU A 710 7.21 18.82 -12.63
C GLU A 710 7.64 17.88 -11.48
N LEU A 711 7.12 16.64 -11.47
CA LEU A 711 7.47 15.77 -10.34
C LEU A 711 8.86 15.19 -10.55
N TYR A 712 9.15 14.86 -11.80
CA TYR A 712 10.56 14.47 -12.10
C TYR A 712 11.51 15.58 -11.70
N ARG A 713 11.27 16.80 -12.14
CA ARG A 713 12.22 17.86 -11.83
C ARG A 713 12.28 18.20 -10.35
N SER A 714 11.23 17.86 -9.62
CA SER A 714 11.29 18.10 -8.18
C SER A 714 12.17 17.23 -7.44
N PHE A 715 12.47 16.08 -8.03
CA PHE A 715 13.30 15.06 -7.35
C PHE A 715 13.73 14.05 -8.42
N PRO A 716 14.82 14.40 -9.18
CA PRO A 716 15.06 13.69 -10.42
C PRO A 716 15.60 12.28 -10.18
N ASN A 717 16.36 12.08 -9.10
CA ASN A 717 17.02 10.80 -8.88
C ASN A 717 16.97 10.42 -7.44
N ALA A 718 17.01 9.10 -7.16
CA ALA A 718 17.18 8.73 -5.75
C ALA A 718 18.56 9.21 -5.24
N VAL A 719 18.74 9.26 -3.93
CA VAL A 719 20.00 9.66 -3.32
C VAL A 719 20.19 8.82 -2.07
N VAL A 720 21.43 8.85 -1.54
CA VAL A 720 21.69 8.11 -0.28
C VAL A 720 21.68 9.18 0.78
N PHE A 721 20.62 9.27 1.61
CA PHE A 721 20.64 10.23 2.70
C PHE A 721 21.57 9.73 3.79
N MET A 722 22.49 10.56 4.25
CA MET A 722 23.58 10.12 5.12
C MET A 722 23.87 11.18 6.14
N HIS A 723 24.17 10.74 7.37
CA HIS A 723 24.63 11.70 8.39
C HIS A 723 25.93 12.36 8.02
N PRO A 724 26.08 13.70 8.21
CA PRO A 724 27.36 14.33 7.83
C PRO A 724 28.62 13.70 8.46
N GLU A 725 28.50 13.22 9.67
CA GLU A 725 29.71 12.60 10.35
C GLU A 725 30.05 11.27 9.70
N ASP A 726 29.02 10.52 9.28
CA ASP A 726 29.35 9.29 8.50
C ASP A 726 29.99 9.65 7.17
N ALA A 727 29.55 10.72 6.50
CA ALA A 727 30.19 11.09 5.20
C ALA A 727 31.67 11.46 5.46
N LYS A 728 31.89 12.19 6.53
CA LYS A 728 33.27 12.60 6.86
C LYS A 728 34.10 11.34 7.12
N ALA A 729 33.59 10.41 7.89
CA ALA A 729 34.36 9.18 8.27
C ALA A 729 34.67 8.37 7.01
N LEU A 730 33.77 8.37 6.02
CA LEU A 730 34.02 7.66 4.75
C LEU A 730 34.77 8.44 3.70
N GLY A 731 35.15 9.69 4.01
CA GLY A 731 35.83 10.56 3.02
C GLY A 731 34.89 10.95 1.90
N LEU A 732 33.63 11.15 2.23
CA LEU A 732 32.64 11.54 1.21
C LEU A 732 32.16 12.93 1.40
N ARG A 733 31.75 13.54 0.31
CA ARG A 733 31.10 14.84 0.37
C ARG A 733 29.73 14.78 -0.33
N ARG A 734 28.84 15.73 -0.04
CA ARG A 734 27.56 15.79 -0.70
C ARG A 734 27.77 15.74 -2.22
N GLY A 735 27.04 14.90 -2.95
CA GLY A 735 27.12 14.91 -4.37
C GLY A 735 28.11 13.91 -4.97
N VAL A 736 28.95 13.28 -4.15
CA VAL A 736 29.85 12.24 -4.68
C VAL A 736 29.09 10.90 -4.86
N GLU A 737 29.53 10.10 -5.80
CA GLU A 737 28.84 8.81 -6.05
C GLU A 737 29.42 7.70 -5.20
N VAL A 738 28.52 6.82 -4.76
CA VAL A 738 28.93 5.66 -3.97
C VAL A 738 28.22 4.48 -4.52
N GLU A 739 28.74 3.29 -4.21
CA GLU A 739 27.86 2.09 -4.29
C GLU A 739 27.33 1.79 -2.91
N VAL A 740 26.05 1.43 -2.88
CA VAL A 740 25.48 0.84 -1.68
C VAL A 740 25.48 -0.70 -1.97
N VAL A 741 26.07 -1.45 -1.05
CA VAL A 741 26.32 -2.87 -1.27
C VAL A 741 25.94 -3.73 -0.10
N SER A 742 25.17 -4.79 -0.36
CA SER A 742 24.92 -5.81 0.60
C SER A 742 25.44 -7.17 0.09
N ARG A 743 25.24 -8.19 0.90
CA ARG A 743 25.71 -9.51 0.45
C ARG A 743 24.89 -9.99 -0.78
N ARG A 744 23.80 -9.28 -1.12
CA ARG A 744 22.93 -9.75 -2.20
C ARG A 744 23.18 -8.99 -3.50
N GLY A 745 23.53 -7.70 -3.39
CA GLY A 745 23.65 -6.88 -4.62
C GLY A 745 24.03 -5.45 -4.29
N ARG A 746 23.97 -4.61 -5.32
CA ARG A 746 24.60 -3.27 -5.24
C ARG A 746 23.86 -2.32 -6.14
N MET A 747 23.95 -1.04 -5.82
CA MET A 747 23.42 0.01 -6.68
C MET A 747 24.27 1.24 -6.52
N ARG A 748 24.19 2.16 -7.49
CA ARG A 748 25.09 3.37 -7.40
C ARG A 748 24.25 4.61 -7.27
N SER A 749 24.64 5.55 -6.41
CA SER A 749 23.79 6.73 -6.20
C SER A 749 24.64 7.81 -5.59
N ARG A 750 24.07 9.00 -5.42
CA ARG A 750 24.87 10.13 -4.89
C ARG A 750 24.53 10.39 -3.45
N ILE A 751 25.54 10.87 -2.71
CA ILE A 751 25.38 11.18 -1.29
C ILE A 751 24.63 12.51 -1.04
N GLU A 752 23.66 12.50 -0.14
CA GLU A 752 22.98 13.67 0.30
C GLU A 752 23.14 13.76 1.81
N THR A 753 23.97 14.74 2.29
CA THR A 753 24.13 14.95 3.71
C THR A 753 23.29 16.13 4.23
N ARG A 754 22.51 16.80 3.34
CA ARG A 754 21.79 18.02 3.73
C ARG A 754 20.34 18.01 3.29
N GLY A 755 19.77 16.81 3.21
CA GLY A 755 18.46 16.72 2.65
C GLY A 755 17.35 16.64 3.65
N ARG A 756 16.14 16.34 3.16
CA ARG A 756 14.96 16.31 4.08
C ARG A 756 14.96 15.13 5.09
N ASP A 757 15.69 14.06 4.78
CA ASP A 757 15.87 12.93 5.65
C ASP A 757 17.25 12.96 6.20
N ALA A 758 17.28 13.02 7.51
CA ALA A 758 18.59 13.18 8.21
C ALA A 758 18.80 12.05 9.20
N PRO A 759 19.49 10.98 8.76
CA PRO A 759 19.52 9.78 9.61
C PRO A 759 20.58 9.93 10.74
N PRO A 760 20.46 9.13 11.84
CA PRO A 760 21.52 9.06 12.85
C PRO A 760 22.76 8.42 12.28
N ARG A 761 23.88 8.62 12.96
CA ARG A 761 25.08 7.89 12.53
C ARG A 761 24.83 6.40 12.48
N GLY A 762 25.35 5.79 11.44
CA GLY A 762 25.28 4.33 11.27
C GLY A 762 24.11 3.88 10.40
N LEU A 763 23.33 4.87 9.87
CA LEU A 763 22.12 4.44 9.09
C LEU A 763 22.00 5.34 7.87
N VAL A 764 21.61 4.77 6.74
CA VAL A 764 21.34 5.57 5.62
C VAL A 764 19.92 5.25 5.12
N PHE A 765 19.34 6.19 4.39
CA PHE A 765 17.99 6.01 3.85
C PHE A 765 18.06 6.20 2.34
N VAL A 766 17.43 5.30 1.57
CA VAL A 766 17.51 5.36 0.09
C VAL A 766 16.07 5.14 -0.39
N PRO A 767 15.49 6.11 -1.10
CA PRO A 767 14.13 5.97 -1.71
C PRO A 767 14.18 5.07 -2.95
N TRP A 768 13.04 4.41 -3.27
CA TRP A 768 13.10 3.37 -4.24
C TRP A 768 12.38 3.72 -5.56
N PHE A 769 12.13 5.01 -5.81
CA PHE A 769 11.37 5.42 -6.98
C PHE A 769 12.10 5.54 -8.29
N ASP A 770 13.42 5.31 -8.24
CA ASP A 770 14.25 5.60 -9.44
C ASP A 770 14.63 4.27 -10.13
N ALA A 771 14.10 4.03 -11.33
CA ALA A 771 14.26 2.78 -12.01
C ALA A 771 15.67 2.63 -12.53
N SER A 772 16.51 3.69 -12.45
CA SER A 772 17.93 3.55 -12.81
C SER A 772 18.77 3.25 -11.55
N GLN A 773 18.11 3.21 -10.36
CA GLN A 773 18.81 2.93 -9.10
C GLN A 773 18.00 1.89 -8.31
N LEU A 774 18.22 0.62 -8.63
CA LEU A 774 17.27 -0.46 -8.19
C LEU A 774 17.73 -0.91 -6.83
N ILE A 775 17.27 -0.17 -5.81
CA ILE A 775 17.75 -0.42 -4.42
C ILE A 775 17.25 -1.77 -3.93
N ASN A 776 16.22 -2.29 -4.57
CA ASN A 776 15.79 -3.68 -4.25
C ASN A 776 16.71 -4.80 -4.75
N LYS A 777 17.78 -4.46 -5.45
CA LYS A 777 18.90 -5.42 -5.52
C LYS A 777 19.61 -5.65 -4.21
N VAL A 778 19.49 -4.69 -3.28
CA VAL A 778 20.33 -4.70 -2.04
C VAL A 778 19.53 -5.27 -0.88
N THR A 779 18.21 -5.11 -0.93
CA THR A 779 17.38 -5.51 0.27
C THR A 779 17.20 -7.01 0.37
N LEU A 780 16.82 -7.45 1.57
CA LEU A 780 16.68 -8.87 1.90
C LEU A 780 15.19 -9.24 1.92
N ASP A 781 14.83 -10.29 1.21
CA ASP A 781 13.43 -10.82 1.23
C ASP A 781 13.18 -11.78 2.47
N ALA A 782 13.60 -11.27 3.61
CA ALA A 782 13.16 -11.81 4.88
C ALA A 782 11.77 -11.26 5.18
N THR A 783 10.90 -12.06 5.83
CA THR A 783 9.59 -11.51 6.12
C THR A 783 9.19 -11.77 7.55
N OCS A 784 8.15 -11.08 8.01
CA OCS A 784 7.44 -11.54 9.19
CB OCS A 784 6.30 -10.57 9.35
SG OCS A 784 5.36 -10.90 10.87
C OCS A 784 6.91 -12.93 8.89
O OCS A 784 6.28 -13.20 7.84
OD1 OCS A 784 4.55 -11.99 10.60
OD2 OCS A 784 4.53 -9.74 11.00
OD3 OCS A 784 6.27 -11.05 11.88
N PRO A 785 7.18 -13.90 9.77
CA PRO A 785 6.77 -15.28 9.41
C PRO A 785 5.27 -15.53 9.43
N ILE A 786 4.53 -14.65 10.12
CA ILE A 786 3.07 -14.87 10.22
C ILE A 786 2.39 -14.27 8.97
N SER A 787 2.73 -13.03 8.71
CA SER A 787 2.03 -12.26 7.60
C SER A 787 2.70 -12.41 6.24
N LEU A 788 3.94 -12.91 6.22
CA LEU A 788 4.77 -13.09 5.00
C LEU A 788 5.09 -11.75 4.34
N GLN A 789 5.05 -10.68 5.14
CA GLN A 789 5.40 -9.35 4.64
C GLN A 789 6.89 -9.07 4.79
N THR A 790 7.53 -8.70 3.70
CA THR A 790 8.94 -8.34 3.64
C THR A 790 9.33 -7.14 4.46
N ASP A 791 10.46 -7.24 5.10
CA ASP A 791 11.04 -6.09 5.85
C ASP A 791 12.04 -5.33 4.97
N PHE A 792 11.52 -4.31 4.30
CA PHE A 792 12.39 -3.48 3.43
C PHE A 792 13.04 -2.35 4.28
N LYS A 793 12.79 -2.33 5.58
CA LYS A 793 13.16 -1.14 6.36
C LYS A 793 14.52 -1.36 7.01
N LYS A 794 15.05 -2.59 7.05
CA LYS A 794 16.40 -2.73 7.69
C LYS A 794 17.16 -3.94 7.13
N CYS A 795 18.39 -3.68 6.75
CA CYS A 795 19.36 -4.74 6.44
C CYS A 795 20.73 -4.10 6.54
N ALA A 796 21.76 -4.91 6.29
CA ALA A 796 23.13 -4.41 6.52
C ALA A 796 23.79 -4.08 5.14
N VAL A 797 24.40 -2.90 5.06
CA VAL A 797 25.16 -2.55 3.83
C VAL A 797 26.54 -1.97 4.17
N LYS A 798 27.40 -1.96 3.17
CA LYS A 798 28.57 -1.05 3.21
C LYS A 798 28.38 -0.02 2.11
N ILE A 799 29.15 1.06 2.24
CA ILE A 799 29.09 2.14 1.31
C ILE A 799 30.50 2.34 0.78
N VAL A 800 30.67 2.23 -0.51
CA VAL A 800 32.03 2.32 -1.05
C VAL A 800 32.07 3.41 -2.15
N LYS A 801 33.10 4.23 -2.18
CA LYS A 801 33.27 5.21 -3.25
C LYS A 801 33.34 4.56 -4.59
N VAL A 802 32.82 5.22 -5.59
CA VAL A 802 33.12 4.88 -6.92
C VAL A 802 34.47 5.62 -7.25
N GLY B 2 10.76 -3.56 -29.98
CA GLY B 2 11.62 -3.67 -28.76
C GLY B 2 10.79 -2.91 -27.71
N LEU B 3 11.42 -2.67 -26.59
CA LEU B 3 10.77 -2.03 -25.45
C LEU B 3 11.89 -1.46 -24.65
N VAL B 4 11.76 -0.17 -24.31
CA VAL B 4 12.74 0.50 -23.46
C VAL B 4 11.98 1.28 -22.35
N ASP B 5 12.54 1.25 -21.12
CA ASP B 5 11.99 2.08 -20.03
C ASP B 5 12.86 3.32 -19.85
N ALA B 6 12.31 4.48 -20.29
CA ALA B 6 13.11 5.67 -20.21
C ALA B 6 13.38 6.13 -18.78
N MET B 7 12.67 5.57 -17.80
CA MET B 7 12.94 5.97 -16.42
C MET B 7 14.22 5.28 -15.96
N ARG B 8 14.63 4.16 -16.62
CA ARG B 8 15.89 3.49 -16.26
C ARG B 8 17.01 3.95 -17.21
N GLY B 9 16.69 4.09 -18.49
CA GLY B 9 17.74 4.25 -19.48
C GLY B 9 18.11 2.87 -20.04
N PRO B 10 19.04 2.86 -21.03
CA PRO B 10 19.38 1.63 -21.76
C PRO B 10 19.95 0.38 -20.96
N THR B 11 20.44 0.53 -19.74
CA THR B 11 21.20 -0.50 -19.03
C THR B 11 20.21 -1.70 -18.72
N ALA B 12 20.68 -2.92 -18.97
CA ALA B 12 19.88 -4.12 -18.62
C ALA B 12 19.67 -4.05 -17.10
N ILE B 13 18.62 -4.76 -16.68
CA ILE B 13 18.30 -4.73 -15.26
C ILE B 13 19.46 -5.19 -14.42
N ALA B 14 20.19 -6.19 -14.93
CA ALA B 14 21.24 -6.79 -14.15
C ALA B 14 22.44 -5.89 -13.94
N ASN B 15 22.51 -4.78 -14.63
CA ASN B 15 23.71 -3.97 -14.52
C ASN B 15 23.44 -2.70 -13.81
N GLU B 16 24.50 -1.93 -13.59
CA GLU B 16 24.42 -0.81 -12.69
C GLU B 16 24.83 0.48 -13.40
N PRO B 17 23.87 1.37 -13.69
CA PRO B 17 24.26 2.60 -14.44
C PRO B 17 25.04 3.60 -13.62
N ARG B 18 25.82 4.45 -14.33
CA ARG B 18 26.47 5.59 -13.66
C ARG B 18 25.36 6.54 -13.20
N ALA B 19 25.44 7.06 -11.98
CA ALA B 19 24.40 8.03 -11.54
C ALA B 19 24.68 9.41 -12.15
N PRO B 20 23.65 10.11 -12.56
CA PRO B 20 23.88 11.50 -12.99
C PRO B 20 24.31 12.33 -11.83
N LEU B 21 24.82 13.53 -12.10
CA LEU B 21 25.17 14.50 -11.07
C LEU B 21 23.89 14.93 -10.37
N LEU B 22 23.98 15.34 -9.10
CA LEU B 22 22.85 16.07 -8.48
C LEU B 22 22.70 17.38 -9.22
N TYR B 23 21.50 17.72 -9.72
CA TYR B 23 21.36 18.90 -10.60
C TYR B 23 21.11 20.06 -9.70
N PRO B 24 21.66 21.25 -10.02
CA PRO B 24 21.25 22.38 -9.17
C PRO B 24 19.78 22.74 -9.44
N THR B 25 19.16 23.40 -8.47
CA THR B 25 17.81 23.88 -8.55
C THR B 25 17.82 25.10 -9.45
N GLU B 26 16.83 25.20 -10.32
CA GLU B 26 16.70 26.33 -11.19
C GLU B 26 16.28 27.58 -10.38
N ASN B 27 16.93 28.73 -10.66
CA ASN B 27 16.37 30.09 -10.34
C ASN B 27 15.85 30.78 -11.64
N LYS B 28 14.61 31.24 -11.63
CA LYS B 28 13.80 31.56 -12.84
C LYS B 28 12.89 30.35 -13.01
N MET B 38 -6.54 24.58 -11.38
CA MET B 38 -5.33 25.43 -11.30
C MET B 38 -4.25 24.84 -10.37
N GLN B 39 -3.08 24.56 -10.94
CA GLN B 39 -2.03 23.86 -10.31
C GLN B 39 -1.31 24.80 -9.34
N PRO B 40 -0.77 24.26 -8.24
CA PRO B 40 0.11 25.05 -7.36
C PRO B 40 1.35 25.40 -8.13
N PRO B 41 1.70 26.72 -8.23
CA PRO B 41 2.90 27.03 -9.04
C PRO B 41 4.13 26.35 -8.47
N THR B 42 5.07 25.95 -9.32
CA THR B 42 6.35 25.51 -8.79
C THR B 42 7.16 26.68 -8.25
N ILE B 43 8.14 26.37 -7.42
CA ILE B 43 8.89 27.44 -6.68
C ILE B 43 10.04 27.77 -7.65
N PRO B 44 10.07 29.01 -8.13
CA PRO B 44 11.06 29.32 -9.18
C PRO B 44 12.43 29.74 -8.55
N HIS B 45 12.66 29.41 -7.30
CA HIS B 45 13.93 29.79 -6.65
C HIS B 45 14.40 28.68 -5.75
N LYS B 46 15.69 28.70 -5.39
CA LYS B 46 16.23 27.72 -4.48
C LYS B 46 15.49 27.89 -3.13
N ILE B 47 15.33 26.79 -2.43
CA ILE B 47 14.83 26.88 -1.07
C ILE B 47 15.73 26.17 -0.06
N ASP B 48 16.97 25.87 -0.44
CA ASP B 48 17.91 25.22 0.49
C ASP B 48 18.08 26.03 1.79
N GLY B 49 18.05 25.38 2.94
CA GLY B 49 18.25 26.13 4.19
C GLY B 49 17.10 26.97 4.72
N TYR B 50 15.97 27.05 3.99
CA TYR B 50 14.81 27.84 4.44
C TYR B 50 14.08 27.07 5.54
N GLN B 51 13.89 27.68 6.71
CA GLN B 51 13.24 27.02 7.87
C GLN B 51 11.75 26.89 7.65
N LEU B 52 11.22 25.71 7.81
CA LEU B 52 9.79 25.55 7.69
C LEU B 52 9.35 24.63 8.79
N ASP B 53 9.17 25.17 9.98
CA ASP B 53 8.79 24.35 11.11
C ASP B 53 7.90 25.12 12.07
N LYS B 54 7.48 24.51 13.16
CA LYS B 54 6.49 25.22 13.94
C LYS B 54 7.03 26.45 14.70
N ASP B 55 8.35 26.62 14.80
CA ASP B 55 8.96 27.82 15.34
C ASP B 55 9.03 28.96 14.31
N PHE B 56 9.15 28.66 13.02
CA PHE B 56 9.38 29.75 12.04
C PHE B 56 8.97 29.24 10.64
N ASN B 57 8.16 30.03 9.93
CA ASN B 57 7.88 29.70 8.54
C ASN B 57 8.58 30.72 7.63
N ARG B 58 9.72 30.31 7.07
CA ARG B 58 10.50 31.23 6.25
C ARG B 58 9.73 31.70 5.00
N CYS B 59 8.93 30.80 4.42
CA CYS B 59 8.13 31.18 3.29
C CYS B 59 7.23 32.37 3.55
N MET B 60 6.58 32.34 4.71
CA MET B 60 5.66 33.42 5.11
C MET B 60 6.41 34.76 5.28
N PHE B 61 7.70 34.69 5.57
CA PHE B 61 8.57 35.90 5.59
C PHE B 61 8.45 36.77 4.36
N CYS B 62 8.38 36.18 3.18
CA CYS B 62 8.19 36.97 1.97
C CYS B 62 6.82 36.87 1.34
N HIS B 63 6.08 35.77 1.60
CA HIS B 63 4.82 35.55 0.92
C HIS B 63 3.52 35.85 1.75
N ALA B 64 3.65 36.40 2.97
CA ALA B 64 2.48 36.80 3.76
C ALA B 64 1.64 37.86 3.03
N ARG B 65 0.32 37.84 3.21
CA ARG B 65 -0.56 38.93 2.78
C ARG B 65 -0.44 40.08 3.83
N THR B 66 0.77 40.61 4.02
CA THR B 66 1.08 41.57 5.10
C THR B 66 2.24 42.40 4.62
N ALA B 73 7.64 39.69 -2.85
CA ALA B 73 7.18 38.45 -3.51
C ALA B 73 5.64 38.43 -3.62
N ILE B 74 5.08 37.78 -4.65
CA ILE B 74 3.60 37.65 -4.78
C ILE B 74 3.05 37.02 -3.47
N PRO B 75 2.05 37.63 -2.81
CA PRO B 75 1.54 37.00 -1.59
C PRO B 75 0.75 35.71 -1.90
N VAL B 76 0.68 34.82 -0.90
CA VAL B 76 -0.23 33.70 -1.02
C VAL B 76 -1.60 34.22 -1.32
N SER B 77 -2.38 33.47 -2.12
CA SER B 77 -3.81 33.83 -2.36
C SER B 77 -4.67 33.64 -1.12
N ILE B 78 -5.88 34.24 -1.09
CA ILE B 78 -6.69 34.21 0.11
C ILE B 78 -7.14 32.79 0.44
N THR B 79 -7.17 31.92 -0.55
CA THR B 79 -7.53 30.47 -0.25
C THR B 79 -6.59 29.88 0.86
N HIS B 80 -5.38 30.40 0.93
CA HIS B 80 -4.35 29.86 1.86
C HIS B 80 -4.68 30.30 3.33
N TYR B 81 -5.60 31.25 3.44
CA TYR B 81 -5.98 31.78 4.76
C TYR B 81 -7.28 31.18 5.21
N MET B 82 -7.74 30.13 4.51
CA MET B 82 -9.03 29.50 4.77
C MET B 82 -8.96 28.22 5.57
N ASP B 83 -9.84 28.10 6.58
CA ASP B 83 -10.00 26.82 7.27
C ASP B 83 -10.87 25.82 6.46
N ARG B 84 -11.08 24.63 7.02
CA ARG B 84 -11.77 23.50 6.40
C ARG B 84 -13.20 23.82 6.05
N ASP B 85 -13.77 24.83 6.71
CA ASP B 85 -15.09 25.33 6.42
C ASP B 85 -15.09 26.57 5.54
N ASN B 86 -13.94 26.95 5.00
CA ASN B 86 -13.81 28.08 4.16
C ASN B 86 -14.02 29.41 4.86
N ASN B 87 -13.83 29.43 6.17
CA ASN B 87 -13.73 30.68 6.88
C ASN B 87 -12.42 31.32 6.54
N VAL B 88 -12.41 32.61 6.19
CA VAL B 88 -11.13 33.35 6.00
C VAL B 88 -10.58 33.81 7.34
N LEU B 89 -9.33 33.48 7.63
CA LEU B 89 -8.75 33.81 8.92
C LEU B 89 -7.81 34.97 8.72
N ALA B 90 -7.31 35.54 9.82
CA ALA B 90 -6.36 36.67 9.71
C ALA B 90 -4.89 36.29 9.46
N ASP B 91 -4.57 34.98 9.49
CA ASP B 91 -3.19 34.53 9.21
C ASP B 91 -3.34 33.22 8.40
N VAL B 92 -2.22 32.78 7.87
CA VAL B 92 -2.23 31.53 7.07
C VAL B 92 -2.85 30.41 7.86
N SER B 93 -3.73 29.66 7.17
CA SER B 93 -4.39 28.48 7.74
C SER B 93 -3.32 27.40 8.13
N PRO B 94 -3.54 26.69 9.25
CA PRO B 94 -2.64 25.53 9.59
C PRO B 94 -2.64 24.50 8.47
N ARG B 95 -3.76 24.43 7.77
CA ARG B 95 -3.90 23.50 6.67
C ARG B 95 -2.97 23.84 5.51
N ARG B 96 -2.41 25.06 5.46
CA ARG B 96 -1.51 25.45 4.36
C ARG B 96 -0.11 25.69 4.91
N TYR B 97 0.07 25.44 6.22
CA TYR B 97 1.32 25.91 6.86
C TYR B 97 2.53 25.28 6.24
N PHE B 98 2.47 23.95 6.00
CA PHE B 98 3.63 23.34 5.38
C PHE B 98 3.61 23.41 3.87
N CYS B 99 4.14 24.52 3.38
CA CYS B 99 4.02 24.88 1.95
C CYS B 99 4.53 23.82 0.96
N THR B 100 5.58 23.15 1.38
CA THR B 100 6.27 22.18 0.50
C THR B 100 5.51 20.86 0.34
N GLN B 101 4.36 20.70 0.96
CA GLN B 101 3.52 19.53 0.58
C GLN B 101 2.97 19.73 -0.84
N CYS B 102 2.88 20.99 -1.27
CA CYS B 102 2.18 21.30 -2.56
C CYS B 102 3.04 22.06 -3.57
N HIS B 103 3.94 22.92 -3.06
CA HIS B 103 4.83 23.73 -3.91
C HIS B 103 6.22 23.13 -3.87
N VAL B 104 6.78 22.85 -5.07
CA VAL B 104 8.08 22.21 -5.18
C VAL B 104 9.03 23.00 -6.11
N PRO B 105 10.32 23.08 -5.73
CA PRO B 105 11.26 23.66 -6.69
C PRO B 105 11.51 22.71 -7.83
N GLN B 106 12.36 23.13 -8.76
CA GLN B 106 12.57 22.31 -9.98
C GLN B 106 14.03 22.26 -10.27
N ALA B 107 14.56 21.06 -10.52
CA ALA B 107 15.99 20.91 -10.93
C ALA B 107 16.20 21.53 -12.29
N ASP B 108 17.40 22.08 -12.48
CA ASP B 108 17.63 22.70 -13.75
C ASP B 108 18.04 21.66 -14.78
N THR B 109 17.08 20.87 -15.31
CA THR B 109 17.35 19.72 -16.18
C THR B 109 16.08 19.45 -16.93
N LYS B 110 16.20 18.85 -18.10
CA LYS B 110 15.02 18.54 -18.89
C LYS B 110 14.35 17.25 -18.40
N PRO B 111 13.04 17.14 -18.55
CA PRO B 111 12.37 15.83 -18.35
C PRO B 111 12.97 14.69 -19.15
N LEU B 112 12.82 13.51 -18.58
CA LEU B 112 13.29 12.30 -19.22
C LEU B 112 12.54 11.92 -20.46
N ILE B 113 11.25 12.25 -20.51
CA ILE B 113 10.44 11.91 -21.64
C ILE B 113 9.39 12.95 -21.86
N GLY B 114 8.79 12.99 -23.06
CA GLY B 114 7.69 13.92 -23.32
C GLY B 114 6.45 13.53 -22.57
N ASN B 115 5.61 14.53 -22.37
CA ASN B 115 4.34 14.35 -21.73
C ASN B 115 3.35 15.19 -22.48
N ASN B 116 2.27 14.53 -22.89
CA ASN B 116 1.22 15.16 -23.70
C ASN B 116 0.09 15.82 -22.96
N PHE B 117 0.32 16.24 -21.71
CA PHE B 117 -0.73 16.92 -20.97
C PHE B 117 -1.16 18.19 -21.70
N VAL B 118 -2.33 18.68 -21.29
CA VAL B 118 -2.77 20.00 -21.81
C VAL B 118 -3.22 20.76 -20.60
N ASP B 119 -2.90 22.05 -20.50
CA ASP B 119 -3.57 22.81 -19.39
C ASP B 119 -4.84 23.58 -19.85
N VAL B 120 -5.90 23.59 -19.03
CA VAL B 120 -7.21 24.24 -19.37
C VAL B 120 -6.85 25.64 -19.86
N ASP B 121 -6.04 26.28 -19.01
CA ASP B 121 -5.26 27.52 -19.23
C ASP B 121 -5.12 27.91 -20.71
N THR B 122 -4.87 26.93 -21.55
CA THR B 122 -4.48 27.16 -22.92
C THR B 122 -5.50 26.55 -23.89
N ILE B 123 -6.67 26.12 -23.43
CA ILE B 123 -7.63 25.47 -24.36
C ILE B 123 -9.08 26.03 -24.29
N LEU B 124 -9.21 27.16 -23.60
CA LEU B 124 -10.47 27.90 -23.51
C LEU B 124 -10.10 29.34 -23.83
FE1 SF4 C . -2.72 11.04 -1.14
FE2 SF4 C . -1.94 13.43 -2.10
FE3 SF4 C . -4.46 13.02 -1.26
FE4 SF4 C . -3.62 11.86 -3.46
S1 SF4 C . -3.78 14.09 -3.13
S2 SF4 C . -4.77 10.91 -1.86
S3 SF4 C . -1.53 11.45 -3.02
S4 SF4 C . -2.72 12.94 0.02
MO MOS D . 2.08 -0.01 0.40
S MOS D . -0.18 -0.87 0.20
PB MGD E . 3.77 0.82 -8.45
O1B MGD E . 2.68 1.52 -7.65
O2B MGD E . 4.82 1.74 -9.07
O3B MGD E . 4.63 -0.14 -7.53
O3A MGD E . 4.91 -1.52 -5.50
PA MGD E . 4.17 -1.55 -6.91
O1A MGD E . 4.86 -2.67 -7.67
O2A MGD E . 2.71 -1.44 -6.82
O5' MGD E . 3.20 -0.12 -9.60
C5' MGD E . 1.98 0.26 -10.19
C4' MGD E . 2.16 -0.01 -11.67
O4' MGD E . 0.82 0.11 -12.22
C3' MGD E . 3.12 0.92 -12.43
O3' MGD E . 4.04 0.11 -13.16
C2' MGD E . 2.13 1.71 -13.30
O2' MGD E . 2.71 2.15 -14.54
C1' MGD E . 1.03 0.68 -13.50
N9 MGD E . -0.23 1.23 -14.06
C8 MGD E . -0.91 2.39 -13.62
N7 MGD E . -2.23 2.24 -13.83
C5 MGD E . -2.50 1.00 -14.30
C6 MGD E . -3.69 0.24 -14.61
O6 MGD E . -4.86 0.77 -14.37
N1 MGD E . -3.45 -1.02 -15.10
C2 MGD E . -2.20 -1.55 -15.22
N2 MGD E . -2.12 -2.81 -15.65
N3 MGD E . -1.03 -0.88 -14.93
C4 MGD E . -1.21 0.38 -14.47
C10 MGD E . 4.33 -0.96 -4.27
C11 MGD E . 4.85 -1.86 -3.17
O11 MGD E . 6.25 -1.66 -3.09
C12 MGD E . 4.21 -1.48 -1.83
S12 MGD E . 2.58 -0.90 -1.74
C13 MGD E . 4.97 -1.50 -0.70
S13 MGD E . 4.22 -0.97 0.79
C14 MGD E . 6.44 -1.83 -0.69
N15 MGD E . 7.17 -0.59 -0.38
C16 MGD E . 8.54 -0.71 -0.51
C17 MGD E . 9.48 -0.02 0.34
O17 MGD E . 9.06 0.78 1.24
N18 MGD E . 10.84 -0.23 0.10
C19 MGD E . 11.28 -1.05 -0.90
N19 MGD E . 12.60 -1.22 -1.10
N20 MGD E . 10.42 -1.73 -1.70
C21 MGD E . 9.08 -1.65 -1.55
N22 MGD E . 8.28 -2.40 -2.30
C23 MGD E . 6.86 -2.47 -2.05
PB MGD F . 8.18 4.97 3.98
O1B MGD F . 7.79 3.71 3.29
O2B MGD F . 8.98 6.06 3.33
O3B MGD F . 6.81 5.69 4.45
O3A MGD F . 4.33 5.28 4.08
PA MGD F . 5.46 5.27 5.23
O1A MGD F . 5.09 6.42 6.11
O2A MGD F . 5.61 3.93 5.84
O5' MGD F . 8.87 4.43 5.38
C5' MGD F . 9.74 5.34 6.14
C4' MGD F . 9.43 5.14 7.63
O4' MGD F . 9.85 3.85 8.05
C3' MGD F . 10.39 6.08 8.37
O3' MGD F . 9.57 7.17 8.89
C2' MGD F . 11.02 5.24 9.51
O2' MGD F . 10.90 5.80 10.83
C1' MGD F . 10.13 4.01 9.45
N9 MGD F . 10.81 2.86 10.02
C8 MGD F . 12.01 2.28 9.46
N7 MGD F . 12.36 1.29 10.34
C5 MGD F . 11.44 1.24 11.37
C6 MGD F . 11.21 0.41 12.56
O6 MGD F . 12.06 -0.44 12.86
N1 MGD F . 10.14 0.68 13.29
C2 MGD F . 9.22 1.61 12.96
N2 MGD F . 8.20 1.71 13.76
N3 MGD F . 9.35 2.44 11.92
C4 MGD F . 10.38 2.16 11.11
C10 MGD F . 4.37 4.21 3.08
C11 MGD F . 2.98 4.31 2.45
O11 MGD F . 2.96 5.48 1.65
C12 MGD F . 2.63 3.16 1.54
S12 MGD F . 2.75 1.54 2.11
C13 MGD F . 2.13 3.35 0.25
S13 MGD F . 1.54 1.96 -0.65
C14 MGD F . 1.88 4.73 -0.37
N15 MGD F . 3.00 5.02 -1.27
C16 MGD F . 3.39 6.36 -1.33
C17 MGD F . 4.36 6.83 -2.29
O17 MGD F . 4.91 5.95 -3.01
N18 MGD F . 4.74 8.15 -2.27
C19 MGD F . 4.12 9.03 -1.43
N19 MGD F . 4.53 10.27 -1.43
N20 MGD F . 3.18 8.64 -0.54
C21 MGD F . 2.76 7.35 -0.49
N22 MGD F . 1.81 7.03 0.42
C23 MGD F . 1.79 5.65 0.87
C FMT G . -4.79 -10.05 4.05
O1 FMT G . -3.56 -10.21 4.31
O2 FMT G . -5.54 -11.00 4.31
C FMT H . 2.60 -4.10 24.17
O1 FMT H . 2.41 -2.86 24.22
O2 FMT H . 2.58 -4.84 25.13
C FMT I . -19.37 12.25 -11.78
O1 FMT I . -19.36 13.18 -10.92
O2 FMT I . -19.61 11.02 -11.68
C FMT J . -0.97 -15.82 4.57
O1 FMT J . -0.51 -15.01 5.40
O2 FMT J . -0.84 -17.06 4.61
C FMT K . -11.17 -5.74 5.41
O1 FMT K . -10.18 -6.11 4.77
O2 FMT K . -12.33 -6.20 5.32
C FMT L . 30.53 16.62 -6.63
O1 FMT L . 31.17 16.66 -5.58
O2 FMT L . 30.86 15.97 -7.64
C FMT M . 26.75 20.13 -3.78
O1 FMT M . 27.50 20.21 -2.79
O2 FMT M . 26.82 19.25 -4.65
C FMT N . -21.64 13.11 -1.07
O1 FMT N . -21.23 14.29 -1.10
O2 FMT N . -21.22 12.25 -0.28
C FMT O . 15.58 11.61 19.52
O1 FMT O . 16.54 12.27 19.03
O2 FMT O . 15.61 10.74 20.43
C FMT P . -10.97 19.91 22.40
O1 FMT P . -11.30 20.27 21.27
O2 FMT P . -11.34 18.81 22.81
C FMT Q . 30.01 18.59 2.17
O1 FMT Q . 30.20 19.33 1.20
O2 FMT Q . 29.54 17.46 2.08
C FMT R . -8.64 -0.06 -26.64
O1 FMT R . -8.44 1.19 -26.57
O2 FMT R . -9.31 -0.74 -27.46
C FMT S . -23.14 13.79 -8.52
O1 FMT S . -21.97 14.19 -8.56
O2 FMT S . -23.58 13.13 -7.57
CL CL T . 20.39 -0.48 -10.84
FE HEC U . 9.01 32.30 -2.84
CHA HEC U . 8.12 32.94 -6.12
CHB HEC U . 7.01 29.62 -2.79
CHC HEC U . 10.25 31.46 0.33
CHD HEC U . 10.62 35.24 -2.65
NA HEC U . 7.84 31.42 -4.22
C1A HEC U . 7.52 31.89 -5.47
C2A HEC U . 6.49 31.03 -6.06
C3A HEC U . 6.14 30.14 -5.09
C4A HEC U . 7.01 30.36 -3.95
CMA HEC U . 5.12 28.99 -5.14
CAA HEC U . 5.85 31.23 -7.46
CBA HEC U . 4.52 32.00 -7.33
CGA HEC U . 3.92 32.07 -8.73
O1A HEC U . 2.77 32.44 -8.90
O2A HEC U . 4.52 31.65 -9.73
NB HEC U . 8.75 30.80 -1.48
C1B HEC U . 7.90 29.74 -1.75
C2B HEC U . 8.10 28.82 -0.67
C3B HEC U . 9.01 29.31 0.22
C4B HEC U . 9.40 30.59 -0.29
CMB HEC U . 7.27 27.53 -0.50
CAB HEC U . 9.60 28.74 1.51
CBB HEC U . 10.33 27.40 1.22
NC HEC U . 10.19 33.17 -1.43
C1C HEC U . 10.56 32.69 -0.19
C2C HEC U . 11.48 33.63 0.42
C3C HEC U . 11.52 34.75 -0.32
C4C HEC U . 10.78 34.43 -1.55
CMC HEC U . 11.94 33.41 1.86
CAC HEC U . 12.27 36.13 -0.09
CBC HEC U . 13.73 36.16 0.39
ND HEC U . 9.29 33.82 -4.21
C1D HEC U . 10.06 34.94 -3.86
C2D HEC U . 10.18 35.78 -5.04
C3D HEC U . 9.40 35.09 -6.14
C4D HEC U . 8.90 33.89 -5.51
CMD HEC U . 10.90 37.16 -5.17
CAD HEC U . 9.21 35.56 -7.62
CBD HEC U . 8.08 36.55 -7.69
CGD HEC U . 6.88 35.65 -7.73
O1D HEC U . 6.82 34.69 -8.56
O2D HEC U . 5.96 35.85 -6.90
FE HEC V . 0.19 27.81 -2.28
CHA HEC V . -1.02 29.36 -5.16
CHB HEC V . 2.53 30.17 -1.97
CHC HEC V . 1.04 26.50 0.85
CHD HEC V . -1.68 25.06 -2.92
NA HEC V . 0.64 29.47 -3.38
C1A HEC V . 0.05 29.92 -4.47
C2A HEC V . 0.75 31.14 -4.84
C3A HEC V . 1.69 31.36 -3.98
C4A HEC V . 1.68 30.28 -3.03
CMA HEC V . 2.71 32.50 -3.92
CAA HEC V . 0.33 32.00 -6.06
CBA HEC V . -0.79 32.99 -5.56
CGA HEC V . -1.46 33.72 -6.73
O1A HEC V . -1.43 33.28 -7.86
O2A HEC V . -2.08 34.79 -6.57
NB HEC V . 1.42 28.24 -0.87
C1B HEC V . 2.33 29.30 -0.91
C2B HEC V . 2.96 29.40 0.39
C3B HEC V . 2.56 28.36 1.15
C4B HEC V . 1.61 27.67 0.37
CMB HEC V . 4.16 30.32 0.75
CAB HEC V . 3.03 27.99 2.58
CBB HEC V . 2.62 29.08 3.62
NC HEC V . -0.20 26.13 -1.24
C1C HEC V . 0.24 25.72 -0.02
C2C HEC V . -0.30 24.46 0.32
C3C HEC V . -1.00 24.04 -0.74
C4C HEC V . -0.96 25.10 -1.76
CMC HEC V . 0.10 23.74 1.65
CAC HEC V . -1.86 22.75 -0.97
CBC HEC V . -2.75 22.17 0.17
ND HEC V . -1.07 27.33 -3.73
C1D HEC V . -1.76 26.10 -3.82
C2D HEC V . -2.56 26.08 -5.03
C3D HEC V . -2.37 27.39 -5.69
C4D HEC V . -1.41 28.08 -4.84
CMD HEC V . -3.43 24.91 -5.53
CAD HEC V . -3.09 27.81 -6.97
CBD HEC V . -4.58 28.09 -6.60
CGD HEC V . -4.78 29.03 -5.41
O1D HEC V . -5.41 28.64 -4.40
O2D HEC V . -4.37 30.20 -5.50
C FMT W . 15.96 30.04 7.92
O1 FMT W . 16.57 31.07 8.23
O2 FMT W . 14.96 30.14 7.24
C FMT X . 26.07 -4.46 -11.90
O1 FMT X . 26.25 -5.43 -12.62
O2 FMT X . 26.35 -4.42 -10.71
C FMT Y . 6.86 17.34 -22.88
O1 FMT Y . 6.55 17.71 -21.73
O2 FMT Y . 6.10 17.15 -23.83
C FMT Z . 9.11 1.63 -25.49
O1 FMT Z . 8.55 2.73 -25.69
O2 FMT Z . 10.13 1.25 -26.05
C FMT AA . 15.05 0.19 -20.31
O1 FMT AA . 15.85 0.18 -19.40
O2 FMT AA . 15.36 0.31 -21.49
C FMT BA . 14.61 33.82 -3.27
O1 FMT BA . 14.01 34.47 -4.13
O2 FMT BA . 14.08 33.15 -2.39
#